data_3G4F
#
_entry.id   3G4F
#
_cell.length_a   158.195
_cell.length_b   158.195
_cell.length_c   158.195
_cell.angle_alpha   90.00
_cell.angle_beta   90.00
_cell.angle_gamma   90.00
#
_symmetry.space_group_name_H-M   'P 21 3'
#
loop_
_entity.id
_entity.type
_entity.pdbx_description
1 polymer '(+)-delta-cadinene synthase isozyme XC1'
2 non-polymer BETA-MERCAPTOETHANOL
3 non-polymer '(2Z,6E)-2-fluoro-3,7,11-trimethyldodeca-2,6,10-trien-1-yl trihydrogen diphosphate'
4 non-polymer 'MAGNESIUM ION'
5 water water
#
_entity_poly.entity_id   1
_entity_poly.type   'polypeptide(L)'
_entity_poly.pdbx_seq_one_letter_code
;MASQVSQMPSSSPLSSNKDEMRPKADFQPSIWGDLFLNCPDKNIDAETEKRHQQLKEEVRKMIVAPMANSTQKLAFIDSV
QRLGVSYHFTKEIEDELENIYHNNNDAENDLYTTSIRFRLLREHGYNVSCDVFNKFKDEQGNFKSSVTSDVRGLLELYQA
SYLRVHGEDILDEAISFTTHHLSLAVASLDHPLSEEVSHALKQSIRRGLPRVEARHYLSVYQDIESHNKALLEFAKIDFN
MLQFLHRKELSEICRWWKDLDFQRKLPYARDRVVEGYFWISGVYFEPQYSLGRKMLTKVIAMASIVDDTYDSYATYEELI
PYTNAIERWDIKCIDEIPEYMKPSYKALLDVYEEMVQLVAEHGRQYRVEYAKNAMIRLAQSYLVEAKWTLQNYKPSFEEF
KANALPTCGYAMLAITSFVGMGDIVTPETFKWAASDPKIIQASTIICRFMDDVAEHKFKHRREDDCSAIECYMEEYGVTA
QEAYDVFNKHVESAWKDLNQEFLKPTEMPTEVLNRSLNLARVMDVLYREGDGYTYVGKAAKGGITSLLIEPIAL
;
_entity_poly.pdbx_strand_id   A,B
#
loop_
_chem_comp.id
_chem_comp.type
_chem_comp.name
_chem_comp.formula
BME non-polymer BETA-MERCAPTOETHANOL 'C2 H6 O S'
FPF non-polymer '(2Z,6E)-2-fluoro-3,7,11-trimethyldodeca-2,6,10-trien-1-yl trihydrogen diphosphate' 'C15 H27 F O7 P2'
MG non-polymer 'MAGNESIUM ION' 'Mg 2'
#
# COMPACT_ATOMS: atom_id res chain seq x y z
N ALA A 25 -0.02 -4.42 -12.92
CA ALA A 25 -0.09 -5.04 -11.61
C ALA A 25 -1.02 -4.31 -10.65
N ASP A 26 -0.41 -3.72 -9.62
CA ASP A 26 -1.10 -2.99 -8.57
C ASP A 26 -0.36 -1.67 -8.29
N PHE A 27 -0.39 -0.77 -9.27
CA PHE A 27 0.36 0.49 -9.27
C PHE A 27 0.49 1.21 -7.91
N GLN A 28 1.67 1.76 -7.65
CA GLN A 28 1.82 2.70 -6.54
C GLN A 28 1.45 2.01 -5.22
N PRO A 29 0.86 2.75 -4.25
CA PRO A 29 1.01 4.19 -4.05
C PRO A 29 1.88 4.36 -2.83
N SER A 30 2.36 5.59 -2.65
CA SER A 30 3.13 5.91 -1.46
C SER A 30 2.26 5.73 -0.22
N ILE A 31 2.87 5.29 0.87
CA ILE A 31 2.13 5.19 2.11
C ILE A 31 1.86 6.58 2.69
N TRP A 32 2.43 7.61 2.07
CA TRP A 32 2.34 8.96 2.58
C TRP A 32 1.16 9.73 1.99
N GLY A 33 0.55 9.17 0.95
CA GLY A 33 -0.53 9.83 0.27
C GLY A 33 -0.09 11.22 -0.14
N ASP A 34 -0.90 12.23 0.22
CA ASP A 34 -0.66 13.61 -0.19
C ASP A 34 -0.15 14.51 0.94
N LEU A 35 0.33 13.88 2.00
CA LEU A 35 0.82 14.63 3.14
C LEU A 35 1.80 15.75 2.70
N PHE A 36 2.66 15.46 1.72
CA PHE A 36 3.75 16.38 1.38
C PHE A 36 3.48 17.25 0.16
N LEU A 37 2.38 16.99 -0.52
CA LEU A 37 2.06 17.65 -1.79
C LEU A 37 1.99 19.19 -1.69
N ASN A 38 1.18 19.70 -0.78
CA ASN A 38 0.92 21.13 -0.79
C ASN A 38 2.10 21.89 -0.21
N CYS A 39 2.29 23.11 -0.66
CA CYS A 39 3.35 23.91 -0.09
C CYS A 39 3.16 23.99 1.41
N PRO A 40 4.26 23.90 2.13
CA PRO A 40 4.32 24.02 3.58
C PRO A 40 3.72 25.35 4.03
N ASP A 41 3.09 25.34 5.19
CA ASP A 41 2.33 26.46 5.76
C ASP A 41 0.81 26.33 5.52
N ASP A 45 7.92 33.75 11.76
CA ASP A 45 8.05 34.69 12.86
C ASP A 45 9.39 35.42 12.74
N ALA A 46 9.36 36.72 12.45
CA ALA A 46 10.62 37.40 12.19
C ALA A 46 11.51 37.53 13.43
N GLU A 47 10.89 37.57 14.60
CA GLU A 47 11.67 37.64 15.84
C GLU A 47 12.64 36.46 15.84
N THR A 48 12.14 35.26 15.61
CA THR A 48 13.00 34.08 15.67
C THR A 48 14.07 34.02 14.57
N GLU A 49 13.78 34.61 13.42
CA GLU A 49 14.86 34.68 12.47
C GLU A 49 15.98 35.59 12.96
N LYS A 50 15.63 36.65 13.67
CA LYS A 50 16.67 37.52 14.21
C LYS A 50 17.43 36.80 15.33
N ARG A 51 16.71 36.03 16.15
CA ARG A 51 17.35 35.17 17.15
C ARG A 51 18.41 34.35 16.41
N HIS A 52 17.97 33.61 15.41
CA HIS A 52 18.84 32.73 14.66
C HIS A 52 20.10 33.44 14.22
N GLN A 53 19.96 34.53 13.49
CA GLN A 53 21.13 35.24 12.98
C GLN A 53 22.09 35.57 14.09
N GLN A 54 21.52 35.93 15.24
CA GLN A 54 22.32 36.37 16.37
C GLN A 54 23.00 35.21 17.12
N LEU A 55 22.25 34.17 17.43
CA LEU A 55 22.82 32.97 18.04
C LEU A 55 23.96 32.44 17.19
N LYS A 56 23.87 32.69 15.88
CA LYS A 56 24.82 32.06 15.01
C LYS A 56 26.17 32.64 15.31
N GLU A 57 26.23 33.97 15.40
CA GLU A 57 27.49 34.64 15.71
C GLU A 57 28.01 34.31 17.11
N GLU A 58 27.09 34.18 18.07
CA GLU A 58 27.45 33.77 19.43
C GLU A 58 28.11 32.42 19.41
N VAL A 59 27.43 31.43 18.83
CA VAL A 59 28.07 30.11 18.68
C VAL A 59 29.40 30.20 17.92
N ARG A 60 29.49 31.03 16.89
CA ARG A 60 30.78 31.17 16.18
C ARG A 60 31.87 31.49 17.19
N LYS A 61 31.58 32.45 18.05
CA LYS A 61 32.56 33.02 18.95
C LYS A 61 32.92 32.06 20.08
N MET A 62 31.97 31.25 20.53
CA MET A 62 32.30 30.23 21.54
C MET A 62 33.19 29.11 20.95
N ILE A 63 33.30 29.05 19.63
CA ILE A 63 34.16 28.03 19.05
C ILE A 63 35.59 28.56 19.00
N VAL A 64 35.75 29.81 18.58
CA VAL A 64 37.07 30.43 18.56
C VAL A 64 37.63 30.77 19.95
N ALA A 65 36.76 31.10 20.90
CA ALA A 65 37.21 31.52 22.23
C ALA A 65 37.56 30.31 23.08
N PRO A 66 38.49 30.49 24.05
CA PRO A 66 39.06 29.39 24.82
C PRO A 66 38.03 28.73 25.70
N MET A 67 38.22 27.45 25.98
CA MET A 67 37.47 26.88 27.06
C MET A 67 38.43 26.36 28.13
N ALA A 68 37.93 25.77 29.20
CA ALA A 68 38.75 25.48 30.36
C ALA A 68 40.01 24.68 30.01
N ASN A 69 39.87 23.73 29.08
CA ASN A 69 41.02 22.99 28.56
C ASN A 69 40.69 22.35 27.21
N SER A 70 41.65 21.66 26.61
CA SER A 70 41.47 21.08 25.29
C SER A 70 40.29 20.11 25.20
N THR A 71 40.10 19.31 26.25
CA THR A 71 39.00 18.37 26.26
C THR A 71 37.64 19.05 26.15
N GLN A 72 37.45 20.19 26.82
CA GLN A 72 36.15 20.84 26.76
C GLN A 72 35.96 21.43 25.38
N LYS A 73 36.99 22.08 24.83
CA LYS A 73 36.88 22.54 23.46
C LYS A 73 36.48 21.37 22.56
N LEU A 74 37.08 20.19 22.77
CA LEU A 74 36.70 19.02 21.96
C LEU A 74 35.25 18.59 22.15
N ALA A 75 34.84 18.39 23.39
CA ALA A 75 33.45 18.05 23.65
C ALA A 75 32.51 19.01 22.94
N PHE A 76 32.86 20.28 22.97
CA PHE A 76 31.97 21.31 22.48
C PHE A 76 31.83 21.25 20.99
N ILE A 77 32.95 21.06 20.30
CA ILE A 77 32.95 20.91 18.85
C ILE A 77 32.14 19.67 18.46
N ASP A 78 32.31 18.61 19.24
CA ASP A 78 31.55 17.39 19.04
C ASP A 78 30.09 17.71 19.08
N SER A 79 29.67 18.51 20.05
CA SER A 79 28.24 18.78 20.17
C SER A 79 27.77 19.62 18.99
N VAL A 80 28.61 20.57 18.58
CA VAL A 80 28.22 21.43 17.47
C VAL A 80 28.00 20.53 16.25
N GLN A 81 28.84 19.51 16.08
CA GLN A 81 28.74 18.61 14.95
C GLN A 81 27.53 17.71 15.11
N ARG A 82 27.36 17.19 16.30
CA ARG A 82 26.27 16.25 16.50
C ARG A 82 24.88 16.88 16.52
N LEU A 83 24.82 18.19 16.75
CA LEU A 83 23.52 18.86 16.82
C LEU A 83 23.08 19.26 15.43
N GLY A 84 23.89 18.93 14.43
CA GLY A 84 23.56 19.20 13.03
C GLY A 84 23.87 20.59 12.51
N VAL A 85 24.68 21.36 13.22
CA VAL A 85 24.90 22.74 12.74
C VAL A 85 26.35 23.07 12.47
N SER A 86 27.22 22.09 12.38
CA SER A 86 28.62 22.39 12.11
C SER A 86 28.84 23.00 10.72
N TYR A 87 27.93 22.81 9.78
CA TYR A 87 28.11 23.38 8.43
C TYR A 87 28.20 24.92 8.41
N HIS A 88 27.72 25.60 9.46
CA HIS A 88 27.85 27.06 9.57
C HIS A 88 29.29 27.49 9.97
N PHE A 89 30.06 26.55 10.51
CA PHE A 89 31.29 26.88 11.26
C PHE A 89 32.42 25.99 10.83
N THR A 90 32.43 25.61 9.56
CA THR A 90 33.41 24.68 9.06
C THR A 90 34.85 25.19 9.29
N LYS A 91 35.14 26.42 8.86
CA LYS A 91 36.48 27.00 9.04
C LYS A 91 36.86 27.20 10.51
N GLU A 92 35.92 27.62 11.35
CA GLU A 92 36.25 27.88 12.75
C GLU A 92 36.59 26.57 13.44
N ILE A 93 35.75 25.57 13.25
CA ILE A 93 35.99 24.26 13.84
C ILE A 93 37.33 23.72 13.38
N GLU A 94 37.55 23.74 12.08
CA GLU A 94 38.82 23.30 11.52
C GLU A 94 40.04 23.93 12.22
N ASP A 95 40.10 25.26 12.31
CA ASP A 95 41.20 25.93 13.03
C ASP A 95 41.44 25.43 14.48
N GLU A 96 40.36 25.15 15.20
CA GLU A 96 40.48 24.63 16.56
C GLU A 96 41.14 23.26 16.52
N LEU A 97 40.65 22.37 15.65
CA LEU A 97 41.25 21.04 15.51
C LEU A 97 42.71 21.04 15.06
N GLU A 98 43.06 21.85 14.08
CA GLU A 98 44.47 21.98 13.75
C GLU A 98 45.27 22.30 15.00
N ASN A 99 44.88 23.34 15.77
CA ASN A 99 45.63 23.70 17.01
C ASN A 99 45.80 22.51 17.93
N ILE A 100 44.69 21.89 18.29
CA ILE A 100 44.71 20.68 19.10
C ILE A 100 45.62 19.53 18.57
N TYR A 101 45.81 19.43 17.26
CA TYR A 101 46.64 18.35 16.70
C TYR A 101 48.09 18.70 16.94
N HIS A 102 48.45 19.92 16.54
CA HIS A 102 49.81 20.41 16.63
C HIS A 102 50.25 20.77 18.04
N ASN A 103 49.33 20.68 18.99
CA ASN A 103 49.65 21.08 20.36
C ASN A 103 49.06 20.07 21.32
N ASN A 104 49.73 18.92 21.43
CA ASN A 104 49.24 17.86 22.31
C ASN A 104 50.33 17.21 23.17
N ASN A 105 50.05 17.10 24.47
CA ASN A 105 50.78 16.18 25.33
C ASN A 105 49.96 14.90 25.45
N ASP A 106 50.26 13.93 24.58
CA ASP A 106 49.58 12.65 24.58
C ASP A 106 49.66 12.07 25.99
N ALA A 107 50.73 12.45 26.69
CA ALA A 107 51.05 11.90 28.01
C ALA A 107 50.86 12.93 29.14
N GLU A 108 49.67 12.93 29.72
CA GLU A 108 48.67 12.01 29.21
C GLU A 108 47.28 12.53 29.49
N ASN A 109 46.39 12.16 28.59
CA ASN A 109 44.99 12.43 28.74
C ASN A 109 44.31 11.14 29.21
N ASP A 110 43.10 11.24 29.73
CA ASP A 110 42.36 10.05 30.12
C ASP A 110 42.02 9.22 28.90
N LEU A 111 41.13 8.27 29.09
CA LEU A 111 40.62 7.49 28.00
C LEU A 111 39.63 8.33 27.22
N TYR A 112 38.94 9.23 27.91
CA TYR A 112 37.93 10.07 27.29
C TYR A 112 38.63 11.10 26.42
N THR A 113 39.44 11.93 27.02
CA THR A 113 40.17 12.89 26.23
C THR A 113 40.89 12.26 25.04
N THR A 114 41.50 11.09 25.23
CA THR A 114 42.27 10.50 24.14
C THR A 114 41.36 10.05 22.99
N SER A 115 40.31 9.32 23.36
CA SER A 115 39.34 8.80 22.42
C SER A 115 38.66 9.89 21.58
N ILE A 116 38.07 10.88 22.24
CA ILE A 116 37.34 11.91 21.53
C ILE A 116 38.28 12.72 20.65
N ARG A 117 39.51 12.91 21.11
CA ARG A 117 40.46 13.66 20.33
C ARG A 117 40.86 12.87 19.12
N PHE A 118 40.96 11.55 19.29
CA PHE A 118 41.37 10.69 18.20
C PHE A 118 40.23 10.62 17.20
N ARG A 119 39.01 10.48 17.71
CA ARG A 119 37.86 10.42 16.83
C ARG A 119 37.77 11.72 16.04
N LEU A 120 37.53 12.85 16.70
CA LEU A 120 37.38 14.11 15.97
C LEU A 120 38.52 14.44 15.00
N LEU A 121 39.77 14.26 15.39
CA LEU A 121 40.86 14.53 14.45
C LEU A 121 40.88 13.57 13.22
N ARG A 122 40.61 12.28 13.43
CA ARG A 122 40.62 11.34 12.31
C ARG A 122 39.47 11.63 11.34
N GLU A 123 38.33 12.02 11.87
CA GLU A 123 37.18 12.30 11.03
C GLU A 123 37.61 13.38 10.08
N HIS A 124 38.43 14.31 10.59
CA HIS A 124 38.81 15.52 9.87
C HIS A 124 40.13 15.40 9.13
N GLY A 125 40.70 14.21 9.15
CA GLY A 125 41.78 13.90 8.23
C GLY A 125 43.18 13.93 8.79
N TYR A 126 43.31 14.20 10.08
CA TYR A 126 44.63 14.23 10.69
C TYR A 126 45.14 12.81 11.01
N ASN A 127 46.40 12.52 10.70
CA ASN A 127 46.94 11.18 10.91
C ASN A 127 47.44 10.92 12.31
N VAL A 128 46.49 10.70 13.22
CA VAL A 128 46.80 10.38 14.58
C VAL A 128 47.02 8.89 14.68
N SER A 129 48.16 8.49 15.23
CA SER A 129 48.50 7.09 15.29
C SER A 129 47.62 6.41 16.31
N CYS A 130 47.22 5.18 16.04
CA CYS A 130 46.51 4.39 17.03
C CYS A 130 47.39 4.13 18.27
N ASP A 131 48.67 4.52 18.25
CA ASP A 131 49.52 4.26 19.43
C ASP A 131 49.10 5.04 20.69
N VAL A 132 48.27 6.08 20.52
CA VAL A 132 47.78 6.85 21.66
C VAL A 132 46.99 5.95 22.60
N PHE A 133 46.51 4.83 22.11
CA PHE A 133 45.84 3.89 22.99
C PHE A 133 46.74 2.83 23.62
N ASN A 134 48.04 2.85 23.30
CA ASN A 134 48.93 1.85 23.90
C ASN A 134 48.92 1.95 25.42
N LYS A 135 49.30 3.12 25.92
CA LYS A 135 49.18 3.46 27.33
C LYS A 135 48.00 2.86 28.11
N PHE A 136 46.94 2.40 27.46
CA PHE A 136 45.77 1.91 28.19
C PHE A 136 45.73 0.39 28.37
N LYS A 137 46.81 -0.28 28.02
CA LYS A 137 46.92 -1.72 28.24
C LYS A 137 47.86 -2.07 29.41
N ASP A 138 47.65 -3.22 30.03
CA ASP A 138 48.60 -3.77 31.01
C ASP A 138 49.69 -4.58 30.30
N GLU A 139 50.81 -4.85 30.97
CA GLU A 139 51.91 -5.59 30.34
C GLU A 139 51.44 -6.92 29.71
N GLN A 140 50.43 -7.52 30.32
CA GLN A 140 49.77 -8.72 29.81
C GLN A 140 49.21 -8.49 28.40
N GLY A 141 48.84 -7.25 28.09
CA GLY A 141 48.30 -6.93 26.79
C GLY A 141 46.78 -6.88 26.78
N ASN A 142 46.19 -7.11 27.95
CA ASN A 142 44.74 -6.93 28.12
C ASN A 142 44.47 -5.47 28.45
N PHE A 143 43.21 -5.07 28.28
CA PHE A 143 42.82 -3.73 28.66
C PHE A 143 42.84 -3.57 30.17
N LYS A 144 43.55 -2.54 30.65
CA LYS A 144 43.72 -2.37 32.09
C LYS A 144 42.40 -2.50 32.82
N SER A 145 42.47 -2.82 34.11
CA SER A 145 41.28 -3.12 34.89
C SER A 145 40.50 -1.85 35.16
N SER A 146 41.24 -0.79 35.43
CA SER A 146 40.65 0.51 35.73
C SER A 146 39.66 0.89 34.65
N VAL A 147 40.05 0.62 33.40
CA VAL A 147 39.30 1.03 32.21
C VAL A 147 37.83 0.60 32.14
N THR A 148 37.52 -0.59 32.62
CA THR A 148 36.16 -1.13 32.52
C THR A 148 35.13 -0.34 33.36
N SER A 149 35.64 0.53 34.23
CA SER A 149 34.80 1.26 35.19
C SER A 149 34.50 2.66 34.69
N ASP A 150 35.22 3.05 33.65
CA ASP A 150 35.10 4.39 33.08
C ASP A 150 34.11 4.34 31.94
N VAL A 151 32.82 4.44 32.24
CA VAL A 151 31.82 4.31 31.21
C VAL A 151 31.99 5.41 30.18
N ARG A 152 32.11 6.64 30.66
CA ARG A 152 32.27 7.78 29.78
C ARG A 152 33.45 7.52 28.87
N GLY A 153 34.50 6.92 29.41
CA GLY A 153 35.67 6.60 28.63
C GLY A 153 35.45 5.46 27.65
N LEU A 154 34.54 4.55 27.97
CA LEU A 154 34.30 3.40 27.08
C LEU A 154 33.45 3.81 25.88
N LEU A 155 32.42 4.60 26.16
CA LEU A 155 31.65 5.26 25.11
C LEU A 155 32.55 5.99 24.11
N GLU A 156 33.46 6.82 24.58
CA GLU A 156 34.26 7.55 23.62
C GLU A 156 35.19 6.62 22.85
N LEU A 157 35.79 5.67 23.57
CA LEU A 157 36.56 4.63 22.89
C LEU A 157 35.70 3.84 21.91
N TYR A 158 34.45 3.58 22.27
CA TYR A 158 33.58 2.78 21.40
C TYR A 158 33.40 3.55 20.12
N GLN A 159 32.93 4.79 20.24
CA GLN A 159 32.74 5.66 19.09
C GLN A 159 34.05 5.78 18.31
N ALA A 160 35.14 5.94 19.01
CA ALA A 160 36.36 6.30 18.31
C ALA A 160 36.89 5.14 17.48
N SER A 161 36.42 3.94 17.75
CA SER A 161 37.02 2.80 17.07
C SER A 161 36.31 2.59 15.75
N TYR A 162 35.31 3.42 15.46
CA TYR A 162 34.65 3.37 14.17
C TYR A 162 35.40 4.22 13.15
N LEU A 163 36.48 4.81 13.64
CA LEU A 163 37.34 5.54 12.77
C LEU A 163 38.62 4.79 12.45
N ARG A 164 38.68 3.53 12.85
CA ARG A 164 39.86 2.72 12.60
C ARG A 164 39.95 2.40 11.11
N VAL A 165 41.19 2.38 10.62
CA VAL A 165 41.46 1.93 9.26
C VAL A 165 42.19 0.57 9.32
N HIS A 166 43.01 0.27 8.32
CA HIS A 166 43.66 -1.04 8.28
C HIS A 166 44.94 -1.05 9.07
N GLY A 167 45.10 -2.10 9.89
CA GLY A 167 46.37 -2.39 10.53
C GLY A 167 46.43 -1.78 11.90
N GLU A 168 45.26 -1.68 12.50
CA GLU A 168 45.10 -1.01 13.77
C GLU A 168 44.44 -1.95 14.74
N ASP A 169 45.14 -3.03 15.06
CA ASP A 169 44.50 -4.12 15.80
C ASP A 169 43.97 -3.68 17.16
N ILE A 170 44.65 -2.73 17.78
CA ILE A 170 44.19 -2.23 19.09
C ILE A 170 42.75 -1.73 19.04
N LEU A 171 42.41 -1.00 17.98
CA LEU A 171 41.02 -0.55 17.79
C LEU A 171 40.14 -1.70 17.29
N ASP A 172 40.76 -2.70 16.67
CA ASP A 172 40.03 -3.90 16.27
C ASP A 172 39.56 -4.66 17.52
N GLU A 173 40.41 -4.68 18.55
CA GLU A 173 40.05 -5.26 19.85
C GLU A 173 39.08 -4.36 20.59
N ALA A 174 39.38 -3.06 20.57
CA ALA A 174 38.55 -2.08 21.25
C ALA A 174 37.04 -2.21 20.96
N ILE A 175 36.67 -2.44 19.70
CA ILE A 175 35.25 -2.44 19.31
C ILE A 175 34.49 -3.54 20.03
N SER A 176 35.09 -4.71 20.11
CA SER A 176 34.46 -5.84 20.81
C SER A 176 34.50 -5.62 22.32
N PHE A 177 35.67 -5.25 22.82
CA PHE A 177 35.87 -5.02 24.26
C PHE A 177 34.79 -4.07 24.77
N THR A 178 34.75 -2.90 24.14
CA THR A 178 33.84 -1.83 24.54
C THR A 178 32.38 -2.19 24.29
N THR A 179 32.09 -2.87 23.18
CA THR A 179 30.71 -3.27 22.92
C THR A 179 30.25 -4.12 24.08
N HIS A 180 31.10 -5.06 24.48
CA HIS A 180 30.71 -6.01 25.50
C HIS A 180 30.47 -5.33 26.85
N HIS A 181 31.49 -4.64 27.35
CA HIS A 181 31.39 -4.05 28.68
C HIS A 181 30.35 -2.93 28.81
N LEU A 182 29.90 -2.40 27.68
CA LEU A 182 28.90 -1.34 27.68
C LEU A 182 27.49 -1.89 27.84
N SER A 183 27.21 -3.02 27.21
CA SER A 183 25.89 -3.64 27.34
C SER A 183 25.73 -4.11 28.79
N LEU A 184 26.86 -4.43 29.42
CA LEU A 184 26.88 -4.88 30.81
C LEU A 184 26.62 -3.75 31.79
N ALA A 185 26.86 -2.50 31.36
CA ALA A 185 26.67 -1.36 32.24
C ALA A 185 25.41 -0.52 32.00
N VAL A 186 24.64 -0.84 30.96
CA VAL A 186 23.51 0.03 30.65
C VAL A 186 22.54 0.11 31.83
N ALA A 187 22.36 -1.03 32.51
CA ALA A 187 21.37 -1.20 33.58
C ALA A 187 21.51 -0.20 34.73
N SER A 188 22.76 0.10 35.06
CA SER A 188 23.05 0.87 36.26
C SER A 188 23.26 2.35 35.99
N LEU A 189 22.81 2.83 34.83
CA LEU A 189 23.13 4.20 34.44
C LEU A 189 21.97 5.14 34.59
N ASP A 190 22.28 6.37 34.96
CA ASP A 190 21.24 7.35 35.10
C ASP A 190 21.18 8.25 33.87
N HIS A 191 19.98 8.42 33.35
CA HIS A 191 19.72 9.32 32.23
C HIS A 191 20.46 10.63 32.47
N PRO A 192 20.92 11.29 31.39
CA PRO A 192 20.77 10.90 29.99
C PRO A 192 21.88 9.99 29.50
N LEU A 193 22.95 9.87 30.28
CA LEU A 193 24.03 8.99 29.87
C LEU A 193 23.51 7.62 29.43
N SER A 194 22.45 7.12 30.04
CA SER A 194 21.97 5.80 29.69
C SER A 194 21.56 5.80 28.24
N GLU A 195 20.62 6.67 27.92
CA GLU A 195 20.13 6.78 26.56
C GLU A 195 21.29 6.81 25.58
N GLU A 196 22.28 7.68 25.83
CA GLU A 196 23.40 7.81 24.92
C GLU A 196 24.11 6.47 24.73
N VAL A 197 24.25 5.68 25.78
CA VAL A 197 24.90 4.39 25.57
C VAL A 197 24.02 3.48 24.74
N SER A 198 22.78 3.27 25.15
CA SER A 198 21.99 2.26 24.46
C SER A 198 22.00 2.60 22.97
N HIS A 199 21.80 3.89 22.67
CA HIS A 199 21.80 4.37 21.29
C HIS A 199 23.07 4.04 20.52
N ALA A 200 24.23 4.26 21.13
CA ALA A 200 25.49 4.00 20.46
C ALA A 200 25.70 2.52 20.10
N LEU A 201 25.19 1.62 20.91
CA LEU A 201 25.33 0.20 20.59
C LEU A 201 24.47 -0.14 19.38
N LYS A 202 23.43 0.66 19.16
CA LYS A 202 22.56 0.51 17.98
C LYS A 202 23.08 1.25 16.75
N GLN A 203 23.76 2.38 16.96
CA GLN A 203 24.09 3.30 15.87
C GLN A 203 25.29 4.15 16.22
N SER A 204 26.41 3.94 15.54
CA SER A 204 27.59 4.75 15.84
C SER A 204 27.37 6.16 15.35
N ILE A 205 28.12 7.09 15.93
CA ILE A 205 28.09 8.44 15.42
C ILE A 205 28.67 8.48 14.01
N ARG A 206 29.61 7.57 13.70
CA ARG A 206 30.30 7.71 12.43
C ARG A 206 29.51 7.18 11.24
N ARG A 207 28.70 6.15 11.41
CA ARG A 207 27.99 5.60 10.26
C ARG A 207 26.53 5.98 10.27
N GLY A 208 26.17 6.91 11.16
CA GLY A 208 24.82 7.40 11.18
C GLY A 208 24.66 8.57 10.23
N LEU A 209 23.44 8.83 9.80
CA LEU A 209 23.14 9.96 8.94
C LEU A 209 23.12 11.23 9.76
N PRO A 210 23.92 12.23 9.38
CA PRO A 210 24.10 13.38 10.27
C PRO A 210 22.77 13.93 10.77
N ARG A 211 21.80 14.06 9.87
CA ARG A 211 20.56 14.67 10.31
C ARG A 211 19.66 13.76 11.17
N VAL A 212 19.66 12.45 10.94
CA VAL A 212 18.81 11.59 11.75
C VAL A 212 19.36 11.57 13.17
N GLU A 213 20.68 11.56 13.25
CA GLU A 213 21.40 11.59 14.52
C GLU A 213 21.25 12.93 15.22
N ALA A 214 21.36 14.00 14.46
CA ALA A 214 21.12 15.32 15.01
C ALA A 214 19.78 15.37 15.72
N ARG A 215 18.72 14.86 15.10
CA ARG A 215 17.41 14.95 15.77
C ARG A 215 17.40 14.20 17.09
N HIS A 216 18.09 13.09 17.15
CA HIS A 216 18.14 12.34 18.38
C HIS A 216 19.01 13.03 19.45
N TYR A 217 20.16 13.55 19.08
CA TYR A 217 21.01 14.26 20.03
C TYR A 217 20.37 15.54 20.53
N LEU A 218 19.43 16.12 19.79
CA LEU A 218 18.82 17.38 20.24
C LEU A 218 18.07 17.09 21.51
N SER A 219 17.46 15.91 21.56
CA SER A 219 16.76 15.47 22.75
C SER A 219 17.70 15.16 23.90
N VAL A 220 18.69 14.29 23.69
CA VAL A 220 19.61 14.00 24.77
C VAL A 220 20.38 15.22 25.24
N TYR A 221 20.81 16.13 24.34
CA TYR A 221 21.55 17.36 24.74
C TYR A 221 20.74 18.31 25.66
N GLN A 222 19.43 18.31 25.46
CA GLN A 222 18.60 19.19 26.27
C GLN A 222 18.67 18.80 27.74
N ASP A 223 18.72 17.49 27.98
CA ASP A 223 18.97 17.00 29.32
C ASP A 223 20.45 17.22 29.61
N GLU A 225 22.36 18.45 31.45
CA GLU A 225 22.61 19.45 32.49
C GLU A 225 24.05 19.96 32.37
N SER A 226 24.18 21.27 32.12
CA SER A 226 25.44 21.94 31.88
C SER A 226 25.55 22.10 30.36
N HIS A 227 24.47 21.73 29.60
CA HIS A 227 24.53 21.86 28.10
C HIS A 227 24.55 23.36 27.80
N ASN A 228 25.08 23.75 26.64
CA ASN A 228 25.11 25.17 26.30
C ASN A 228 23.75 25.68 25.81
N LYS A 229 23.15 26.57 26.60
CA LYS A 229 21.84 27.13 26.30
C LYS A 229 21.70 27.67 24.88
N ALA A 230 22.68 28.44 24.45
CA ALA A 230 22.59 29.04 23.13
C ALA A 230 22.88 28.03 21.99
N LEU A 231 23.74 27.06 22.23
CA LEU A 231 23.94 26.03 21.23
C LEU A 231 22.59 25.38 20.98
N LEU A 232 22.00 24.88 22.07
CA LEU A 232 20.81 24.04 21.97
C LEU A 232 19.67 24.80 21.36
N GLU A 233 19.59 26.09 21.63
CA GLU A 233 18.51 26.90 21.06
C GLU A 233 18.72 27.13 19.55
N PHE A 234 19.96 27.46 19.17
CA PHE A 234 20.27 27.74 17.77
C PHE A 234 20.04 26.48 16.98
N ALA A 235 20.43 25.32 17.52
CA ALA A 235 20.23 24.07 16.79
C ALA A 235 18.75 23.73 16.66
N LYS A 236 17.94 24.08 17.67
CA LYS A 236 16.50 23.85 17.54
C LYS A 236 15.97 24.69 16.38
N ILE A 237 16.27 25.98 16.35
CA ILE A 237 15.68 26.85 15.36
C ILE A 237 16.21 26.51 13.98
N ASP A 238 17.47 26.12 13.92
CA ASP A 238 18.10 25.83 12.65
C ASP A 238 17.43 24.60 12.09
N PHE A 239 17.21 23.64 12.97
CA PHE A 239 16.54 22.45 12.56
C PHE A 239 15.19 22.72 11.91
N ASN A 240 14.38 23.63 12.45
CA ASN A 240 13.08 23.91 11.85
C ASN A 240 13.21 24.67 10.55
N MET A 241 14.14 25.62 10.49
CA MET A 241 14.34 26.40 9.26
C MET A 241 14.68 25.47 8.10
N LEU A 242 15.60 24.53 8.33
CA LEU A 242 15.94 23.58 7.30
C LEU A 242 14.74 22.73 6.94
N GLN A 243 14.07 22.18 7.95
CA GLN A 243 12.88 21.36 7.74
C GLN A 243 11.86 22.08 6.84
N PHE A 244 11.74 23.38 7.04
CA PHE A 244 10.86 24.17 6.21
C PHE A 244 11.35 24.06 4.77
N LEU A 245 12.63 24.36 4.57
CA LEU A 245 13.26 24.31 3.27
C LEU A 245 13.06 22.94 2.60
N HIS A 246 13.37 21.86 3.31
CA HIS A 246 13.13 20.56 2.72
C HIS A 246 11.67 20.39 2.39
N ARG A 247 10.78 20.84 3.26
CA ARG A 247 9.36 20.66 2.98
C ARG A 247 8.99 21.38 1.68
N LYS A 248 9.58 22.54 1.43
CA LYS A 248 9.39 23.19 0.11
C LYS A 248 9.93 22.35 -1.05
N GLU A 249 11.15 21.85 -0.93
CA GLU A 249 11.74 21.06 -2.00
C GLU A 249 10.93 19.82 -2.28
N LEU A 250 10.45 19.15 -1.25
CA LEU A 250 9.70 17.91 -1.42
C LEU A 250 8.31 18.13 -2.03
N SER A 251 7.75 19.31 -1.80
CA SER A 251 6.49 19.62 -2.42
C SER A 251 6.70 19.89 -3.92
N GLU A 252 7.76 20.60 -4.30
CA GLU A 252 8.04 20.77 -5.73
C GLU A 252 8.25 19.44 -6.47
N ILE A 253 8.92 18.48 -5.82
CA ILE A 253 9.15 17.16 -6.41
C ILE A 253 7.89 16.31 -6.52
N CYS A 254 7.02 16.38 -5.51
CA CYS A 254 5.76 15.62 -5.53
C CYS A 254 4.81 16.13 -6.60
N ARG A 255 4.67 17.45 -6.72
CA ARG A 255 3.90 18.02 -7.82
C ARG A 255 4.45 17.50 -9.16
N TRP A 256 5.77 17.57 -9.34
CA TRP A 256 6.42 16.98 -10.52
C TRP A 256 5.96 15.54 -10.75
N TRP A 257 5.99 14.73 -9.70
CA TRP A 257 5.70 13.31 -9.80
C TRP A 257 4.24 13.11 -10.11
N LYS A 258 3.39 13.98 -9.57
CA LYS A 258 1.95 13.78 -9.72
C LYS A 258 1.56 13.96 -11.18
N ASP A 259 2.26 14.82 -11.90
CA ASP A 259 1.95 15.01 -13.31
C ASP A 259 2.44 13.85 -14.21
N LEU A 260 3.42 13.08 -13.74
CA LEU A 260 3.90 11.94 -14.52
C LEU A 260 2.81 10.89 -14.63
N ASP A 261 1.99 10.83 -13.60
CA ASP A 261 0.82 9.95 -13.58
C ASP A 261 1.24 8.49 -13.71
N PHE A 262 2.42 8.17 -13.20
CA PHE A 262 2.86 6.77 -13.16
C PHE A 262 1.95 5.92 -12.32
N GLN A 263 0.79 6.47 -11.96
CA GLN A 263 -0.19 5.74 -11.20
C GLN A 263 -1.00 4.87 -12.16
N ARG A 264 -1.81 5.49 -12.99
CA ARG A 264 -2.52 4.72 -14.00
C ARG A 264 -1.49 4.11 -14.96
N LYS A 265 -0.64 4.97 -15.53
CA LYS A 265 0.28 4.59 -16.61
C LYS A 265 1.24 3.42 -16.34
N LEU A 266 1.73 3.27 -15.11
CA LEU A 266 2.75 2.25 -14.84
C LEU A 266 2.40 1.31 -13.72
N PRO A 267 1.30 0.56 -13.88
CA PRO A 267 0.74 -0.32 -12.87
C PRO A 267 1.76 -1.06 -12.04
N TYR A 268 2.92 -1.38 -12.60
CA TYR A 268 3.87 -2.26 -11.93
C TYR A 268 4.88 -1.47 -11.10
N ALA A 269 4.90 -0.16 -11.32
CA ALA A 269 5.85 0.71 -10.65
C ALA A 269 5.41 1.03 -9.23
N ARG A 270 6.31 0.75 -8.29
CA ARG A 270 6.24 1.31 -6.96
C ARG A 270 6.24 2.83 -6.93
N ASP A 271 5.90 3.38 -5.77
CA ASP A 271 5.99 4.81 -5.56
C ASP A 271 6.84 5.02 -4.32
N ARG A 272 8.07 5.48 -4.56
CA ARG A 272 9.06 5.64 -3.54
C ARG A 272 9.65 7.05 -3.58
N VAL A 273 8.88 8.04 -4.01
CA VAL A 273 9.47 9.37 -4.15
C VAL A 273 9.90 9.93 -2.83
N VAL A 274 9.01 9.91 -1.85
CA VAL A 274 9.35 10.39 -0.51
C VAL A 274 10.55 9.65 0.07
N GLU A 275 10.53 8.33 -0.03
CA GLU A 275 11.64 7.54 0.48
C GLU A 275 12.95 7.87 -0.27
N GLY A 276 12.84 8.20 -1.57
CA GLY A 276 13.99 8.64 -2.33
C GLY A 276 14.51 9.96 -1.80
N TYR A 277 13.65 10.96 -1.75
CA TYR A 277 14.02 12.25 -1.20
C TYR A 277 14.74 12.11 0.15
N PHE A 278 14.26 11.22 1.01
CA PHE A 278 14.92 10.98 2.29
C PHE A 278 16.35 10.44 2.07
N TRP A 279 16.48 9.36 1.29
CA TRP A 279 17.77 8.81 0.91
C TRP A 279 18.71 9.98 0.47
N ILE A 280 18.28 10.75 -0.54
CA ILE A 280 19.02 11.88 -1.08
C ILE A 280 19.28 13.01 -0.09
N SER A 281 18.35 13.23 0.83
CA SER A 281 18.54 14.30 1.78
C SER A 281 19.64 13.85 2.72
N GLY A 282 19.90 12.55 2.77
CA GLY A 282 21.08 12.02 3.46
C GLY A 282 22.39 12.24 2.69
N VAL A 283 22.33 12.36 1.38
CA VAL A 283 23.55 12.66 0.64
C VAL A 283 23.99 14.07 1.01
N TYR A 284 23.03 14.99 1.04
CA TYR A 284 23.27 16.31 1.63
C TYR A 284 21.99 16.99 2.08
N PHE A 285 21.98 17.52 3.30
CA PHE A 285 20.82 18.19 3.83
C PHE A 285 20.97 19.72 3.79
N GLU A 286 22.21 20.19 3.71
CA GLU A 286 22.50 21.61 3.83
C GLU A 286 21.70 22.45 2.85
N PRO A 287 21.49 23.73 3.21
CA PRO A 287 20.79 24.71 2.36
C PRO A 287 21.42 24.86 0.97
N GLN A 288 22.75 24.90 0.87
CA GLN A 288 23.44 25.16 -0.40
C GLN A 288 23.28 24.06 -1.42
N TYR A 289 22.88 22.87 -0.98
CA TYR A 289 22.67 21.77 -1.93
C TYR A 289 21.19 21.58 -2.28
N SER A 290 20.42 22.65 -2.21
CA SER A 290 18.99 22.54 -2.46
C SER A 290 18.71 22.11 -3.91
N LEU A 291 19.32 22.78 -4.90
CA LEU A 291 19.22 22.33 -6.31
C LEU A 291 19.69 20.88 -6.41
N GLY A 292 20.74 20.56 -5.66
CA GLY A 292 21.23 19.20 -5.68
C GLY A 292 20.16 18.21 -5.29
N ARG A 293 19.51 18.43 -4.16
CA ARG A 293 18.53 17.46 -3.70
C ARG A 293 17.43 17.33 -4.75
N LYS A 294 17.07 18.45 -5.35
CA LYS A 294 16.02 18.47 -6.33
C LYS A 294 16.36 17.58 -7.54
N MET A 295 17.49 17.84 -8.17
CA MET A 295 17.87 17.04 -9.32
C MET A 295 18.13 15.60 -8.92
N LEU A 296 18.89 15.41 -7.85
CA LEU A 296 19.21 14.08 -7.35
C LEU A 296 17.97 13.25 -7.03
N THR A 297 16.90 13.90 -6.56
CA THR A 297 15.71 13.17 -6.14
C THR A 297 14.89 12.70 -7.32
N LYS A 298 14.79 13.54 -8.34
CA LYS A 298 14.18 13.11 -9.59
C LYS A 298 14.95 11.94 -10.18
N VAL A 299 16.28 12.03 -10.20
CA VAL A 299 17.07 10.96 -10.77
C VAL A 299 16.76 9.62 -10.07
N ILE A 300 16.81 9.63 -8.73
CA ILE A 300 16.66 8.38 -8.01
C ILE A 300 15.25 7.84 -8.21
N ALA A 301 14.29 8.74 -8.42
CA ALA A 301 12.91 8.30 -8.67
C ALA A 301 12.83 7.54 -9.99
N MET A 302 13.24 8.19 -11.09
CA MET A 302 13.36 7.50 -12.39
C MET A 302 14.20 6.23 -12.33
N ALA A 303 15.31 6.26 -11.63
CA ALA A 303 16.09 5.03 -11.50
C ALA A 303 15.20 3.93 -10.99
N SER A 304 14.34 4.26 -10.03
CA SER A 304 13.48 3.30 -9.38
C SER A 304 12.50 2.72 -10.37
N ILE A 305 11.95 3.59 -11.21
CA ILE A 305 11.01 3.16 -12.21
C ILE A 305 11.72 2.26 -13.22
N VAL A 306 12.94 2.62 -13.59
CA VAL A 306 13.74 1.79 -14.47
C VAL A 306 14.03 0.46 -13.82
N ASP A 307 14.43 0.47 -12.54
CA ASP A 307 14.68 -0.80 -11.86
C ASP A 307 13.43 -1.67 -11.96
N ASP A 308 12.27 -1.10 -11.62
CA ASP A 308 11.07 -1.91 -11.50
C ASP A 308 10.70 -2.49 -12.85
N THR A 309 10.89 -1.69 -13.90
CA THR A 309 10.64 -2.17 -15.25
C THR A 309 11.49 -3.37 -15.65
N TYR A 310 12.70 -3.48 -15.12
CA TYR A 310 13.51 -4.67 -15.34
C TYR A 310 13.00 -5.81 -14.42
N ASP A 311 12.26 -5.44 -13.36
CA ASP A 311 11.71 -6.39 -12.36
C ASP A 311 10.16 -6.55 -12.39
N SER A 312 9.54 -6.38 -13.56
CA SER A 312 8.10 -6.60 -13.76
C SER A 312 7.91 -7.65 -14.83
N TYR A 313 6.76 -7.59 -15.52
CA TYR A 313 6.40 -8.60 -16.49
C TYR A 313 6.97 -8.23 -17.86
N ALA A 314 7.99 -7.36 -17.82
CA ALA A 314 8.82 -7.15 -18.99
C ALA A 314 9.45 -8.50 -19.22
N THR A 315 9.40 -8.96 -20.47
CA THR A 315 10.08 -10.18 -20.85
C THR A 315 11.42 -9.76 -21.39
N TYR A 316 12.37 -10.69 -21.46
CA TYR A 316 13.69 -10.31 -21.91
C TYR A 316 13.60 -9.64 -23.27
N GLU A 317 12.67 -10.06 -24.11
CA GLU A 317 12.70 -9.63 -25.51
C GLU A 317 12.32 -8.16 -25.62
N GLU A 318 11.69 -7.65 -24.56
CA GLU A 318 11.27 -6.26 -24.49
C GLU A 318 12.39 -5.44 -23.85
N LEU A 319 13.07 -6.05 -22.89
CA LEU A 319 14.16 -5.38 -22.21
C LEU A 319 15.34 -5.06 -23.14
N ILE A 320 15.66 -5.86 -24.18
CA ILE A 320 16.85 -5.47 -25.01
C ILE A 320 16.61 -4.19 -25.80
N PRO A 321 15.47 -3.96 -26.47
CA PRO A 321 15.19 -2.63 -27.03
C PRO A 321 15.26 -1.50 -26.01
N TYR A 322 14.69 -1.73 -24.83
CA TYR A 322 14.63 -0.71 -23.81
C TYR A 322 16.02 -0.27 -23.46
N THR A 323 16.84 -1.23 -23.05
CA THR A 323 18.22 -0.97 -22.72
C THR A 323 18.89 -0.36 -23.92
N ASN A 324 18.52 -0.83 -25.10
CA ASN A 324 19.18 -0.31 -26.27
C ASN A 324 18.89 1.17 -26.41
N ALA A 325 17.65 1.58 -26.16
CA ALA A 325 17.27 2.97 -26.32
C ALA A 325 17.82 3.84 -25.21
N ILE A 326 18.12 3.22 -24.07
CA ILE A 326 18.71 3.95 -22.97
C ILE A 326 20.16 4.22 -23.33
N GLU A 327 20.88 3.21 -23.79
CA GLU A 327 22.24 3.43 -24.29
C GLU A 327 22.39 4.58 -25.32
N ARG A 328 21.41 4.75 -26.23
CA ARG A 328 21.53 5.76 -27.30
C ARG A 328 20.93 7.07 -26.89
N TRP A 329 20.12 7.07 -25.85
CA TRP A 329 19.62 8.32 -25.28
C TRP A 329 19.29 9.42 -26.27
N ASP A 330 18.18 9.30 -26.98
CA ASP A 330 17.75 10.34 -27.94
C ASP A 330 16.25 10.21 -28.03
N ILE A 331 15.54 11.31 -28.18
CA ILE A 331 14.10 11.17 -28.24
C ILE A 331 13.63 10.31 -29.39
N LYS A 332 14.43 10.19 -30.45
CA LYS A 332 14.05 9.34 -31.58
C LYS A 332 13.95 7.86 -31.21
N CYS A 333 14.64 7.46 -30.15
CA CYS A 333 14.55 6.07 -29.73
C CYS A 333 13.21 5.73 -29.08
N ILE A 334 12.40 6.74 -28.79
CA ILE A 334 11.09 6.52 -28.20
C ILE A 334 10.16 5.73 -29.11
N ASP A 335 10.37 5.79 -30.41
CA ASP A 335 9.52 5.01 -31.32
C ASP A 335 9.97 3.56 -31.44
N GLU A 336 11.08 3.20 -30.82
CA GLU A 336 11.65 1.87 -31.00
C GLU A 336 11.40 0.96 -29.80
N ILE A 337 10.64 1.45 -28.82
CA ILE A 337 10.38 0.65 -27.61
C ILE A 337 8.90 0.31 -27.45
N PRO A 338 8.60 -0.82 -26.79
CA PRO A 338 7.20 -1.20 -26.55
C PRO A 338 6.42 -0.06 -25.93
N GLU A 339 5.14 0.08 -26.30
CA GLU A 339 4.38 1.25 -25.92
C GLU A 339 4.39 1.49 -24.42
N TYR A 340 4.32 0.42 -23.65
CA TYR A 340 4.17 0.62 -22.22
C TYR A 340 5.42 1.22 -21.58
N MET A 341 6.52 1.25 -22.33
CA MET A 341 7.79 1.76 -21.81
C MET A 341 8.06 3.21 -22.19
N LYS A 342 7.29 3.74 -23.13
CA LYS A 342 7.48 5.10 -23.55
C LYS A 342 7.36 6.11 -22.42
N PRO A 343 6.37 5.95 -21.55
CA PRO A 343 6.26 6.98 -20.51
C PRO A 343 7.46 7.03 -19.57
N SER A 344 8.17 5.92 -19.36
CA SER A 344 9.30 6.01 -18.46
C SER A 344 10.49 6.56 -19.22
N TYR A 345 10.62 6.19 -20.49
CA TYR A 345 11.68 6.74 -21.33
C TYR A 345 11.58 8.26 -21.44
N LYS A 346 10.42 8.77 -21.83
CA LYS A 346 10.21 10.23 -21.95
C LYS A 346 10.45 10.94 -20.63
N ALA A 347 9.92 10.40 -19.53
CA ALA A 347 10.21 10.99 -18.23
C ALA A 347 11.71 11.06 -17.99
N LEU A 348 12.40 9.94 -18.26
CA LEU A 348 13.85 9.84 -18.07
C LEU A 348 14.69 10.84 -18.88
N LEU A 349 14.44 10.96 -20.18
CA LEU A 349 15.18 11.95 -20.96
C LEU A 349 14.85 13.34 -20.50
N ASP A 350 13.63 13.52 -20.01
CA ASP A 350 13.23 14.84 -19.56
C ASP A 350 13.96 15.26 -18.28
N VAL A 351 14.19 14.33 -17.37
CA VAL A 351 14.89 14.70 -16.16
C VAL A 351 16.26 15.28 -16.48
N TYR A 352 17.05 14.61 -17.30
CA TYR A 352 18.38 15.11 -17.61
C TYR A 352 18.36 16.36 -18.49
N GLU A 353 17.43 16.42 -19.43
CA GLU A 353 17.37 17.60 -20.26
C GLU A 353 17.11 18.76 -19.34
N GLU A 354 16.33 18.54 -18.30
CA GLU A 354 16.13 19.61 -17.31
C GLU A 354 17.39 19.91 -16.48
N MET A 355 18.09 18.87 -16.03
CA MET A 355 19.32 19.09 -15.28
C MET A 355 20.19 20.04 -16.09
N VAL A 356 20.24 19.87 -17.41
CA VAL A 356 21.04 20.77 -18.24
C VAL A 356 20.56 22.23 -18.19
N GLN A 357 19.27 22.48 -18.25
CA GLN A 357 18.78 23.86 -18.09
C GLN A 357 19.12 24.50 -16.74
N LEU A 358 18.93 23.75 -15.66
CA LEU A 358 19.05 24.27 -14.30
C LEU A 358 20.47 24.63 -13.94
N VAL A 359 21.39 24.07 -14.70
CA VAL A 359 22.80 24.14 -14.38
C VAL A 359 23.50 24.98 -15.45
N ALA A 360 22.81 25.24 -16.55
CA ALA A 360 23.30 26.18 -17.58
C ALA A 360 23.71 27.57 -17.08
N GLU A 361 23.04 28.08 -16.06
CA GLU A 361 23.29 29.46 -15.65
C GLU A 361 24.69 29.68 -15.10
N HIS A 362 25.43 28.59 -14.88
CA HIS A 362 26.87 28.68 -14.59
C HIS A 362 27.69 27.80 -15.56
N GLY A 363 27.10 27.45 -16.69
CA GLY A 363 27.85 26.71 -17.69
C GLY A 363 28.38 25.43 -17.13
N ARG A 364 27.58 24.74 -16.31
CA ARG A 364 28.01 23.46 -15.74
C ARG A 364 27.34 22.29 -16.45
N GLN A 365 26.82 22.54 -17.65
CA GLN A 365 26.27 21.47 -18.48
C GLN A 365 27.14 20.22 -18.55
N TYR A 366 28.45 20.39 -18.60
CA TYR A 366 29.35 19.31 -18.95
C TYR A 366 29.29 18.23 -17.91
N ARG A 367 28.74 18.57 -16.74
CA ARG A 367 28.59 17.60 -15.65
C ARG A 367 27.50 16.58 -15.98
N VAL A 368 26.52 16.98 -16.76
CA VAL A 368 25.34 16.15 -16.90
C VAL A 368 25.65 14.90 -17.71
N GLU A 369 26.53 15.00 -18.71
CA GLU A 369 26.83 13.86 -19.57
C GLU A 369 27.41 12.75 -18.69
N TYR A 370 28.23 13.13 -17.71
CA TYR A 370 28.79 12.12 -16.83
C TYR A 370 27.72 11.38 -16.04
N ALA A 371 26.68 12.10 -15.65
CA ALA A 371 25.61 11.52 -14.89
C ALA A 371 24.75 10.65 -15.81
N LYS A 372 24.49 11.13 -17.03
CA LYS A 372 23.77 10.34 -18.03
C LYS A 372 24.51 9.01 -18.12
N ASN A 373 25.81 9.08 -18.39
CA ASN A 373 26.64 7.90 -18.60
C ASN A 373 26.54 6.92 -17.44
N ALA A 374 26.43 7.42 -16.22
CA ALA A 374 26.34 6.51 -15.09
C ALA A 374 24.95 5.83 -15.05
N MET A 375 23.93 6.56 -15.49
CA MET A 375 22.61 5.96 -15.51
C MET A 375 22.66 4.85 -16.52
N ILE A 376 23.18 5.14 -17.71
CA ILE A 376 23.34 4.08 -18.71
C ILE A 376 24.11 2.84 -18.21
N ARG A 377 25.24 3.05 -17.56
CA ARG A 377 25.96 1.89 -17.04
C ARG A 377 25.04 1.07 -16.19
N LEU A 378 24.24 1.75 -15.37
CA LEU A 378 23.36 1.07 -14.42
C LEU A 378 22.33 0.26 -15.16
N ALA A 379 21.76 0.83 -16.22
CA ALA A 379 20.76 0.10 -17.01
C ALA A 379 21.36 -1.11 -17.73
N GLN A 380 22.65 -1.06 -18.07
CA GLN A 380 23.26 -2.22 -18.73
C GLN A 380 23.36 -3.38 -17.76
N SER A 381 23.60 -3.08 -16.50
CA SER A 381 23.78 -4.15 -15.54
C SER A 381 22.42 -4.69 -15.12
N TYR A 382 21.37 -3.92 -15.36
CA TYR A 382 20.04 -4.42 -15.05
C TYR A 382 19.73 -5.47 -16.09
N LEU A 383 20.04 -5.15 -17.35
CA LEU A 383 19.84 -6.07 -18.44
C LEU A 383 20.43 -7.42 -18.11
N VAL A 384 21.63 -7.45 -17.54
CA VAL A 384 22.26 -8.74 -17.30
C VAL A 384 21.62 -9.43 -16.12
N GLU A 385 21.41 -8.73 -15.02
CA GLU A 385 20.69 -9.34 -13.93
C GLU A 385 19.37 -9.98 -14.45
N ALA A 386 18.62 -9.28 -15.31
CA ALA A 386 17.31 -9.77 -15.79
C ALA A 386 17.40 -11.07 -16.54
N LYS A 387 18.37 -11.19 -17.44
CA LYS A 387 18.57 -12.42 -18.19
C LYS A 387 18.77 -13.58 -17.23
N TRP A 388 19.43 -13.31 -16.11
CA TRP A 388 19.70 -14.36 -15.16
C TRP A 388 18.44 -14.86 -14.46
N THR A 389 17.50 -13.98 -14.15
CA THR A 389 16.29 -14.39 -13.46
C THR A 389 15.24 -14.95 -14.43
N LEU A 390 15.11 -14.33 -15.59
CA LEU A 390 14.19 -14.77 -16.61
C LEU A 390 14.61 -15.99 -17.44
N GLN A 391 15.90 -16.30 -17.51
CA GLN A 391 16.32 -17.49 -18.27
C GLN A 391 16.82 -18.57 -17.30
N ASN A 392 16.61 -18.29 -16.01
CA ASN A 392 17.13 -19.11 -14.93
C ASN A 392 18.40 -19.79 -15.43
N TYR A 393 19.48 -19.02 -15.40
CA TYR A 393 20.79 -19.48 -15.81
C TYR A 393 21.67 -19.24 -14.59
N LYS A 394 22.18 -20.31 -14.00
CA LYS A 394 23.00 -20.18 -12.81
C LYS A 394 24.39 -19.76 -13.28
N PRO A 395 24.82 -18.55 -12.88
CA PRO A 395 26.12 -18.03 -13.30
C PRO A 395 27.20 -18.68 -12.46
N SER A 396 28.37 -18.87 -13.06
CA SER A 396 29.51 -19.30 -12.27
C SER A 396 29.78 -18.23 -11.23
N PHE A 397 30.74 -18.49 -10.35
CA PHE A 397 31.01 -17.57 -9.28
C PHE A 397 31.56 -16.23 -9.80
N GLU A 398 32.59 -16.27 -10.67
CA GLU A 398 33.21 -14.96 -11.08
C GLU A 398 32.43 -14.22 -12.16
N GLU A 399 31.58 -14.91 -12.91
CA GLU A 399 30.60 -14.25 -13.77
C GLU A 399 29.74 -13.38 -12.87
N PHE A 400 29.39 -13.94 -11.73
CA PHE A 400 28.48 -13.28 -10.81
C PHE A 400 29.26 -12.16 -10.13
N LYS A 401 30.42 -12.52 -9.61
CA LYS A 401 31.34 -11.56 -9.04
C LYS A 401 31.47 -10.31 -9.95
N ALA A 402 31.70 -10.48 -11.25
CA ALA A 402 31.92 -9.35 -12.18
C ALA A 402 30.74 -8.43 -12.46
N ASN A 403 29.52 -8.93 -12.25
CA ASN A 403 28.35 -8.22 -12.72
C ASN A 403 27.52 -7.65 -11.56
N ALA A 404 27.93 -7.92 -10.33
CA ALA A 404 27.07 -7.63 -9.16
C ALA A 404 27.22 -6.22 -8.60
N LEU A 405 28.47 -5.76 -8.48
CA LEU A 405 28.80 -4.42 -7.96
C LEU A 405 28.18 -3.22 -8.70
N PRO A 406 28.09 -3.32 -10.03
CA PRO A 406 27.43 -2.23 -10.74
C PRO A 406 25.89 -2.30 -10.76
N THR A 407 25.22 -3.15 -9.97
CA THR A 407 23.74 -3.03 -9.89
C THR A 407 23.38 -2.14 -8.73
N CYS A 408 24.41 -1.59 -8.09
CA CYS A 408 24.18 -0.84 -6.86
C CYS A 408 23.68 0.58 -7.09
N GLY A 409 24.25 1.29 -8.05
CA GLY A 409 23.80 2.65 -8.27
C GLY A 409 24.35 3.66 -7.28
N TYR A 410 25.32 3.27 -6.45
CA TYR A 410 26.01 4.26 -5.65
C TYR A 410 27.05 5.02 -6.45
N ALA A 411 27.60 4.41 -7.48
CA ALA A 411 28.49 5.18 -8.33
C ALA A 411 27.64 6.26 -9.02
N MET A 412 26.48 5.83 -9.53
CA MET A 412 25.52 6.72 -10.17
C MET A 412 25.04 7.86 -9.25
N LEU A 413 24.78 7.56 -7.98
CA LEU A 413 24.29 8.61 -7.12
C LEU A 413 25.43 9.54 -6.69
N ALA A 414 26.61 8.99 -6.39
CA ALA A 414 27.70 9.90 -6.05
C ALA A 414 27.93 10.85 -7.22
N ILE A 415 28.33 10.30 -8.38
CA ILE A 415 28.56 11.11 -9.56
C ILE A 415 27.46 12.16 -9.80
N THR A 416 26.21 11.75 -9.75
CA THR A 416 25.11 12.65 -10.05
C THR A 416 24.95 13.72 -8.95
N SER A 417 25.37 13.37 -7.72
CA SER A 417 25.26 14.30 -6.62
C SER A 417 26.17 15.49 -6.87
N PHE A 418 27.28 15.27 -7.59
CA PHE A 418 28.22 16.33 -7.89
C PHE A 418 27.60 17.30 -8.84
N VAL A 419 26.61 16.88 -9.61
CA VAL A 419 26.16 17.77 -10.68
C VAL A 419 25.72 19.13 -10.11
N GLY A 420 25.15 19.12 -8.93
CA GLY A 420 24.57 20.33 -8.38
C GLY A 420 25.30 20.90 -7.17
N MET A 421 26.56 20.56 -7.03
CA MET A 421 27.41 21.18 -6.04
C MET A 421 28.10 22.39 -6.68
N GLY A 422 28.93 23.13 -5.96
CA GLY A 422 29.47 24.38 -6.49
C GLY A 422 30.83 24.23 -7.17
N ASP A 423 31.59 25.30 -7.19
CA ASP A 423 32.92 25.31 -7.79
C ASP A 423 33.93 24.31 -7.20
N ILE A 424 33.72 23.78 -5.99
CA ILE A 424 34.66 22.77 -5.46
C ILE A 424 34.70 21.58 -6.41
N VAL A 425 33.71 21.51 -7.30
CA VAL A 425 33.59 20.40 -8.22
C VAL A 425 33.97 20.84 -9.60
N THR A 426 34.69 19.98 -10.30
CA THR A 426 35.49 20.44 -11.40
C THR A 426 35.53 19.33 -12.43
N PRO A 427 35.91 19.64 -13.68
CA PRO A 427 35.87 18.55 -14.67
C PRO A 427 36.72 17.37 -14.23
N GLU A 428 37.82 17.68 -13.55
CA GLU A 428 38.65 16.62 -13.00
C GLU A 428 37.88 15.76 -12.01
N THR A 429 36.88 16.34 -11.35
CA THR A 429 36.16 15.56 -10.37
C THR A 429 35.45 14.43 -11.07
N PHE A 430 34.81 14.74 -12.19
CA PHE A 430 34.16 13.68 -12.94
C PHE A 430 35.11 12.71 -13.61
N LYS A 431 36.33 13.14 -13.86
CA LYS A 431 37.23 12.20 -14.49
C LYS A 431 37.69 11.17 -13.46
N TRP A 432 37.74 11.57 -12.21
CA TRP A 432 38.12 10.70 -11.10
C TRP A 432 36.97 9.78 -10.73
N ALA A 433 35.74 10.30 -10.67
CA ALA A 433 34.61 9.46 -10.30
C ALA A 433 34.37 8.35 -11.32
N ALA A 434 34.57 8.66 -12.60
CA ALA A 434 34.33 7.67 -13.66
C ALA A 434 35.35 6.51 -13.61
N SER A 435 36.56 6.78 -13.14
CA SER A 435 37.64 5.81 -13.10
C SER A 435 37.52 4.78 -11.95
N ASP A 436 36.45 4.86 -11.16
CA ASP A 436 36.20 3.95 -10.01
C ASP A 436 37.11 4.08 -8.78
N PRO A 437 37.10 5.25 -8.12
CA PRO A 437 38.11 5.49 -7.09
C PRO A 437 37.80 4.71 -5.83
N LYS A 438 38.78 4.56 -4.94
CA LYS A 438 38.63 3.65 -3.82
C LYS A 438 37.43 4.05 -3.00
N ILE A 439 37.11 5.35 -2.95
CA ILE A 439 36.00 5.71 -2.09
C ILE A 439 34.64 5.31 -2.65
N ILE A 440 34.47 5.37 -3.97
CA ILE A 440 33.25 4.83 -4.56
C ILE A 440 33.22 3.30 -4.49
N GLN A 441 34.38 2.64 -4.67
CA GLN A 441 34.42 1.17 -4.51
C GLN A 441 33.92 0.81 -3.13
N ALA A 442 34.60 1.33 -2.12
CA ALA A 442 34.24 1.01 -0.76
C ALA A 442 32.73 1.15 -0.52
N SER A 443 32.12 2.25 -0.99
CA SER A 443 30.68 2.46 -0.75
C SER A 443 29.82 1.47 -1.54
N THR A 444 30.32 1.04 -2.68
CA THR A 444 29.66 0.02 -3.50
C THR A 444 29.70 -1.34 -2.78
N ILE A 445 30.89 -1.80 -2.40
CA ILE A 445 30.98 -2.94 -1.49
C ILE A 445 29.94 -2.84 -0.36
N ILE A 446 29.96 -1.73 0.37
CA ILE A 446 29.05 -1.57 1.51
C ILE A 446 27.63 -1.75 1.04
N CYS A 447 27.27 -1.11 -0.07
CA CYS A 447 25.91 -1.23 -0.58
C CYS A 447 25.56 -2.65 -0.99
N ARG A 448 26.25 -3.17 -2.00
CA ARG A 448 25.99 -4.52 -2.48
C ARG A 448 25.98 -5.56 -1.36
N PHE A 449 26.94 -5.49 -0.44
CA PHE A 449 26.97 -6.48 0.64
C PHE A 449 25.95 -6.33 1.80
N MET A 450 25.49 -5.12 2.08
CA MET A 450 24.48 -4.97 3.13
C MET A 450 23.13 -5.29 2.54
N ASP A 451 22.97 -4.94 1.27
CA ASP A 451 21.70 -5.13 0.56
C ASP A 451 21.41 -6.61 0.34
N ASP A 452 22.47 -7.41 0.21
CA ASP A 452 22.28 -8.83 0.00
C ASP A 452 21.92 -9.56 1.29
N VAL A 453 22.80 -9.48 2.29
CA VAL A 453 22.53 -10.05 3.60
C VAL A 453 21.13 -9.68 4.02
N ALA A 454 20.82 -8.39 3.92
CA ALA A 454 19.56 -7.85 4.43
C ALA A 454 18.37 -8.49 3.74
N GLU A 455 18.54 -8.88 2.49
CA GLU A 455 17.46 -9.50 1.72
C GLU A 455 17.25 -10.96 2.15
N HIS A 456 18.31 -11.77 2.04
CA HIS A 456 18.32 -13.16 2.50
C HIS A 456 17.91 -13.31 3.98
N LYS A 457 18.62 -12.59 4.84
CA LYS A 457 18.36 -12.60 6.27
C LYS A 457 16.89 -12.33 6.59
N PHE A 458 16.43 -11.11 6.35
CA PHE A 458 15.05 -10.74 6.68
C PHE A 458 14.10 -10.91 5.48
N ASP A 465 15.07 -14.49 -6.00
CA ASP A 465 15.90 -14.65 -7.19
C ASP A 465 17.20 -13.85 -7.10
N CYS A 466 18.25 -14.43 -7.66
CA CYS A 466 19.63 -13.90 -7.62
C CYS A 466 20.07 -13.25 -6.30
N SER A 467 20.77 -14.06 -5.49
CA SER A 467 21.20 -13.71 -4.16
C SER A 467 22.70 -13.98 -4.07
N ALA A 468 23.46 -12.99 -3.60
CA ALA A 468 24.90 -13.13 -3.46
C ALA A 468 25.24 -14.17 -2.41
N ILE A 469 24.42 -14.22 -1.37
CA ILE A 469 24.61 -15.19 -0.30
C ILE A 469 24.33 -16.57 -0.86
N GLU A 470 23.17 -16.73 -1.49
CA GLU A 470 22.84 -18.01 -2.08
C GLU A 470 24.02 -18.52 -2.92
N CYS A 471 24.65 -17.64 -3.69
CA CYS A 471 25.78 -18.01 -4.55
C CYS A 471 27.02 -18.36 -3.74
N TYR A 472 27.34 -17.55 -2.74
CA TYR A 472 28.48 -17.84 -1.89
C TYR A 472 28.34 -19.21 -1.20
N MET A 473 27.13 -19.54 -0.72
CA MET A 473 26.86 -20.84 -0.09
C MET A 473 27.23 -21.99 -1.04
N GLU A 474 26.72 -21.94 -2.27
CA GLU A 474 27.00 -22.97 -3.25
C GLU A 474 28.48 -23.09 -3.58
N GLU A 475 29.15 -21.94 -3.72
CA GLU A 475 30.53 -21.91 -4.21
C GLU A 475 31.59 -22.41 -3.22
N TYR A 476 31.35 -22.21 -1.94
CA TYR A 476 32.35 -22.56 -0.94
C TYR A 476 31.72 -23.55 0.03
N GLY A 477 30.45 -23.87 -0.23
CA GLY A 477 29.73 -24.84 0.57
C GLY A 477 29.76 -24.49 2.04
N VAL A 478 29.12 -23.38 2.38
CA VAL A 478 28.99 -22.95 3.76
C VAL A 478 27.52 -22.63 4.02
N THR A 479 27.26 -22.08 5.19
CA THR A 479 25.89 -21.89 5.61
C THR A 479 25.51 -20.42 5.54
N ALA A 480 24.22 -20.12 5.62
CA ALA A 480 23.79 -18.74 5.64
C ALA A 480 24.61 -17.96 6.67
N GLN A 481 24.66 -18.46 7.90
CA GLN A 481 25.42 -17.76 8.93
C GLN A 481 26.88 -17.56 8.52
N GLU A 482 27.59 -18.64 8.22
CA GLU A 482 29.00 -18.56 7.78
C GLU A 482 29.16 -17.59 6.60
N ALA A 483 28.08 -17.39 5.83
CA ALA A 483 28.07 -16.48 4.70
C ALA A 483 27.95 -15.05 5.20
N TYR A 484 26.89 -14.80 5.96
CA TYR A 484 26.74 -13.53 6.67
C TYR A 484 28.08 -13.16 7.29
N ASP A 485 28.73 -14.12 7.94
CA ASP A 485 30.04 -13.87 8.54
C ASP A 485 30.93 -13.18 7.50
N VAL A 486 31.12 -13.82 6.35
CA VAL A 486 32.12 -13.30 5.43
C VAL A 486 31.71 -11.96 4.84
N PHE A 487 30.41 -11.78 4.60
CA PHE A 487 29.92 -10.55 3.97
C PHE A 487 30.09 -9.35 4.87
N ASN A 488 29.61 -9.46 6.10
CA ASN A 488 29.83 -8.43 7.10
C ASN A 488 31.32 -8.17 7.31
N LYS A 489 32.13 -9.22 7.33
CA LYS A 489 33.58 -9.02 7.42
C LYS A 489 34.06 -8.14 6.32
N HIS A 490 33.34 -8.14 5.19
CA HIS A 490 33.74 -7.33 4.04
C HIS A 490 33.22 -5.90 4.14
N VAL A 491 32.02 -5.77 4.65
CA VAL A 491 31.49 -4.48 4.94
C VAL A 491 32.49 -3.72 5.84
N GLU A 492 32.87 -4.30 6.98
CA GLU A 492 33.82 -3.66 7.91
C GLU A 492 35.15 -3.27 7.28
N SER A 493 35.63 -4.04 6.30
CA SER A 493 36.90 -3.72 5.66
C SER A 493 36.74 -2.60 4.64
N ALA A 494 35.65 -2.70 3.87
CA ALA A 494 35.18 -1.56 3.10
C ALA A 494 35.09 -0.29 3.99
N TRP A 495 34.48 -0.35 5.19
CA TRP A 495 34.50 0.86 6.06
C TRP A 495 35.89 1.34 6.41
N LYS A 496 36.83 0.44 6.62
CA LYS A 496 38.19 0.85 6.92
C LYS A 496 38.80 1.59 5.71
N ASP A 497 38.50 1.12 4.51
CA ASP A 497 38.99 1.81 3.32
C ASP A 497 38.43 3.21 3.24
N LEU A 498 37.17 3.34 3.65
CA LEU A 498 36.44 4.59 3.56
C LEU A 498 37.11 5.61 4.47
N ASN A 499 37.16 5.31 5.76
CA ASN A 499 37.91 6.15 6.71
C ASN A 499 39.27 6.57 6.16
N GLN A 500 40.00 5.60 5.61
CA GLN A 500 41.37 5.84 5.15
C GLN A 500 41.39 6.89 4.05
N GLU A 501 40.41 6.82 3.18
CA GLU A 501 40.29 7.78 2.10
C GLU A 501 40.13 9.24 2.55
N PHE A 502 39.87 9.51 3.84
CA PHE A 502 39.86 10.89 4.35
C PHE A 502 41.17 11.33 4.98
N LEU A 503 42.04 10.37 5.30
CA LEU A 503 43.30 10.71 5.93
C LEU A 503 44.17 11.50 4.96
N LYS A 504 44.62 12.68 5.37
CA LYS A 504 45.36 13.56 4.47
C LYS A 504 46.68 12.92 4.02
N PRO A 505 47.07 13.09 2.75
CA PRO A 505 46.41 13.87 1.69
C PRO A 505 45.34 13.04 0.98
N THR A 506 44.35 13.70 0.39
CA THR A 506 43.21 12.99 -0.13
C THR A 506 43.19 13.13 -1.64
N GLU A 507 42.46 12.25 -2.33
CA GLU A 507 42.41 12.34 -3.77
C GLU A 507 41.49 13.46 -4.26
N MET A 508 40.62 13.97 -3.38
CA MET A 508 39.61 14.96 -3.76
C MET A 508 39.18 15.78 -2.53
N PRO A 509 38.61 16.99 -2.74
CA PRO A 509 38.20 17.79 -1.59
C PRO A 509 37.19 17.08 -0.73
N THR A 510 37.18 17.45 0.54
CA THR A 510 36.29 16.81 1.46
C THR A 510 34.83 16.81 1.04
N GLU A 511 34.35 17.90 0.45
CA GLU A 511 32.91 17.92 0.16
C GLU A 511 32.61 16.95 -0.96
N VAL A 512 33.64 16.54 -1.68
CA VAL A 512 33.44 15.54 -2.71
C VAL A 512 33.40 14.16 -2.11
N LEU A 513 34.28 13.87 -1.16
CA LEU A 513 34.25 12.58 -0.48
C LEU A 513 33.00 12.38 0.40
N ASN A 514 32.53 13.41 1.09
CA ASN A 514 31.37 13.22 1.98
C ASN A 514 30.18 12.62 1.24
N ARG A 515 30.06 12.89 -0.04
CA ARG A 515 28.94 12.34 -0.79
C ARG A 515 28.97 10.83 -0.64
N SER A 516 30.17 10.27 -0.70
CA SER A 516 30.32 8.82 -0.71
C SER A 516 30.14 8.27 0.69
N LEU A 517 30.78 8.92 1.65
CA LEU A 517 30.50 8.63 3.05
C LEU A 517 29.00 8.61 3.31
N ASN A 518 28.31 9.67 2.92
CA ASN A 518 26.89 9.74 3.26
C ASN A 518 26.09 8.62 2.63
N LEU A 519 26.50 8.15 1.47
CA LEU A 519 25.79 7.05 0.80
C LEU A 519 26.03 5.77 1.58
N ALA A 520 27.26 5.58 2.04
CA ALA A 520 27.57 4.48 2.92
C ALA A 520 26.75 4.58 4.21
N ARG A 521 26.58 5.80 4.74
CA ARG A 521 25.73 5.99 5.90
C ARG A 521 24.24 5.67 5.65
N VAL A 522 23.73 5.99 4.46
CA VAL A 522 22.34 5.65 4.13
C VAL A 522 22.12 4.14 4.29
N MET A 523 23.08 3.34 3.88
CA MET A 523 22.97 1.90 4.04
C MET A 523 22.91 1.50 5.50
N ASP A 524 23.93 1.90 6.28
CA ASP A 524 24.03 1.48 7.67
C ASP A 524 22.78 1.80 8.46
N VAL A 525 22.14 2.92 8.12
CA VAL A 525 20.91 3.38 8.76
C VAL A 525 19.66 2.68 8.19
N LEU A 526 19.62 2.48 6.86
CA LEU A 526 18.40 1.95 6.20
C LEU A 526 18.36 0.47 5.83
N TYR A 527 19.49 -0.21 5.88
CA TYR A 527 19.49 -1.62 5.51
C TYR A 527 20.16 -2.50 6.53
N ARG A 528 19.73 -2.40 7.77
CA ARG A 528 20.25 -3.31 8.77
C ARG A 528 19.15 -3.86 9.66
N GLU A 529 19.55 -4.85 10.45
CA GLU A 529 18.67 -5.60 11.33
C GLU A 529 17.78 -4.73 12.23
N TYR A 535 7.33 -0.61 1.81
CA TYR A 535 7.47 -1.38 3.05
C TYR A 535 6.95 -0.57 4.28
N VAL A 536 7.59 0.54 4.64
CA VAL A 536 8.86 0.99 4.08
C VAL A 536 9.93 0.85 5.17
N GLY A 537 9.54 0.23 6.28
CA GLY A 537 10.45 0.04 7.40
C GLY A 537 10.25 1.08 8.50
N LYS A 538 10.35 0.62 9.74
CA LYS A 538 10.28 1.50 10.87
C LYS A 538 11.41 2.52 10.76
N ALA A 539 12.46 2.17 10.03
CA ALA A 539 13.62 3.06 9.90
C ALA A 539 13.37 4.26 8.96
N ALA A 540 12.76 4.00 7.80
CA ALA A 540 12.41 5.04 6.83
C ALA A 540 11.22 5.84 7.31
N LYS A 541 10.18 5.15 7.74
CA LYS A 541 9.05 5.83 8.33
C LYS A 541 9.52 6.66 9.54
N GLY A 542 10.30 6.07 10.44
CA GLY A 542 10.71 6.77 11.64
C GLY A 542 11.52 8.02 11.34
N GLY A 543 12.37 7.98 10.31
CA GLY A 543 13.22 9.11 10.00
C GLY A 543 12.51 10.17 9.19
N ILE A 544 11.68 9.73 8.27
CA ILE A 544 10.86 10.65 7.50
C ILE A 544 9.98 11.54 8.39
N THR A 545 9.55 10.98 9.52
CA THR A 545 8.61 11.67 10.40
C THR A 545 9.37 12.74 11.16
N SER A 546 10.52 12.36 11.70
CA SER A 546 11.27 13.30 12.53
C SER A 546 11.95 14.42 11.74
N LEU A 547 12.32 14.17 10.49
CA LEU A 547 12.90 15.25 9.70
C LEU A 547 11.90 16.04 8.87
N LEU A 548 10.74 15.47 8.59
CA LEU A 548 9.82 16.11 7.66
C LEU A 548 8.43 16.49 8.20
N ILE A 549 7.92 15.72 9.15
CA ILE A 549 6.60 16.01 9.67
C ILE A 549 6.64 16.79 10.99
N GLU A 550 7.34 16.26 12.00
CA GLU A 550 7.33 16.84 13.32
C GLU A 550 8.40 17.90 13.48
N PRO A 551 7.96 19.15 13.64
CA PRO A 551 8.90 20.22 13.96
C PRO A 551 9.32 20.13 15.43
N ILE A 552 10.19 21.04 15.82
CA ILE A 552 10.66 21.05 17.17
C ILE A 552 10.02 22.21 17.88
N ALA A 553 9.47 21.92 19.05
CA ALA A 553 8.88 22.92 19.94
C ALA A 553 9.96 23.79 20.56
N LEU A 554 10.02 25.05 20.13
CA LEU A 554 11.00 25.99 20.66
C LEU A 554 11.00 26.11 22.19
N ALA B 25 -33.81 19.23 10.99
CA ALA B 25 -33.16 20.41 10.42
C ALA B 25 -33.30 20.50 8.90
N ASP B 26 -33.35 19.36 8.23
CA ASP B 26 -33.44 19.32 6.77
C ASP B 26 -33.87 17.96 6.22
N PHE B 27 -35.05 17.54 6.64
CA PHE B 27 -35.66 16.29 6.20
C PHE B 27 -35.69 16.17 4.68
N GLN B 28 -35.61 14.93 4.19
CA GLN B 28 -35.86 14.65 2.78
C GLN B 28 -35.09 15.63 1.86
N PRO B 29 -35.43 15.68 0.55
CA PRO B 29 -36.30 14.79 -0.24
C PRO B 29 -35.56 13.80 -1.17
N SER B 30 -36.34 12.93 -1.83
CA SER B 30 -35.81 11.98 -2.80
C SER B 30 -35.40 12.72 -4.08
N ILE B 31 -34.13 12.59 -4.44
CA ILE B 31 -33.61 13.30 -5.61
C ILE B 31 -34.21 12.74 -6.91
N TRP B 32 -35.22 11.88 -6.75
CA TRP B 32 -35.89 11.23 -7.87
C TRP B 32 -37.35 11.70 -7.93
N GLY B 33 -37.78 12.40 -6.90
CA GLY B 33 -39.13 12.91 -6.81
C GLY B 33 -40.14 11.77 -6.78
N ASP B 34 -41.12 11.84 -7.67
CA ASP B 34 -42.17 10.84 -7.73
C ASP B 34 -42.10 10.13 -9.08
N LEU B 35 -40.89 10.00 -9.62
CA LEU B 35 -40.71 9.40 -10.93
C LEU B 35 -41.33 8.00 -10.97
N PHE B 36 -41.09 7.23 -9.90
CA PHE B 36 -41.47 5.81 -9.89
C PHE B 36 -42.79 5.52 -9.18
N LEU B 37 -43.38 6.57 -8.60
CA LEU B 37 -44.59 6.41 -7.80
C LEU B 37 -45.75 5.79 -8.59
N ASN B 38 -45.85 6.11 -9.88
CA ASN B 38 -46.96 5.63 -10.69
C ASN B 38 -46.67 4.27 -11.33
N CYS B 39 -47.61 3.34 -11.21
CA CYS B 39 -47.53 2.09 -11.94
C CYS B 39 -46.89 2.36 -13.30
N PRO B 40 -46.10 1.40 -13.80
CA PRO B 40 -45.51 1.56 -15.14
C PRO B 40 -46.58 1.74 -16.20
N ASP B 41 -46.19 2.26 -17.37
CA ASP B 41 -47.12 2.49 -18.48
C ASP B 41 -48.27 3.46 -18.13
N ASP B 45 -47.36 -5.42 -24.88
CA ASP B 45 -47.34 -6.12 -26.16
C ASP B 45 -47.28 -7.64 -25.96
N ALA B 46 -48.36 -8.33 -26.35
CA ALA B 46 -48.48 -9.77 -26.16
C ALA B 46 -48.06 -10.58 -27.38
N GLU B 47 -47.84 -9.90 -28.50
CA GLU B 47 -47.36 -10.57 -29.69
C GLU B 47 -45.91 -10.95 -29.49
N THR B 48 -45.15 -10.01 -28.94
CA THR B 48 -43.77 -10.26 -28.59
C THR B 48 -43.73 -11.24 -27.40
N GLU B 49 -44.77 -11.23 -26.56
CA GLU B 49 -44.88 -12.15 -25.41
C GLU B 49 -44.94 -13.63 -25.83
N LYS B 50 -45.50 -13.89 -27.00
CA LYS B 50 -45.46 -15.24 -27.55
C LYS B 50 -44.08 -15.47 -28.13
N ARG B 51 -43.48 -14.37 -28.61
CA ARG B 51 -42.14 -14.41 -29.16
C ARG B 51 -41.13 -14.82 -28.07
N HIS B 52 -41.36 -14.36 -26.84
CA HIS B 52 -40.50 -14.72 -25.70
C HIS B 52 -40.72 -16.16 -25.22
N GLN B 53 -41.95 -16.49 -24.85
CA GLN B 53 -42.29 -17.84 -24.39
C GLN B 53 -41.69 -18.90 -25.33
N GLN B 54 -41.54 -18.52 -26.60
CA GLN B 54 -41.06 -19.40 -27.67
C GLN B 54 -39.55 -19.53 -27.71
N LEU B 55 -38.87 -18.39 -27.78
CA LEU B 55 -37.41 -18.37 -27.76
C LEU B 55 -36.89 -19.05 -26.50
N LYS B 56 -37.60 -18.83 -25.39
CA LYS B 56 -37.21 -19.45 -24.12
C LYS B 56 -36.83 -20.91 -24.35
N GLU B 57 -37.77 -21.70 -24.84
CA GLU B 57 -37.52 -23.13 -25.00
C GLU B 57 -36.46 -23.44 -26.07
N GLU B 58 -36.13 -22.46 -26.91
CA GLU B 58 -35.08 -22.65 -27.91
C GLU B 58 -33.73 -22.65 -27.22
N VAL B 59 -33.44 -21.56 -26.52
CA VAL B 59 -32.22 -21.48 -25.71
C VAL B 59 -32.07 -22.75 -24.89
N ARG B 60 -33.14 -23.17 -24.23
CA ARG B 60 -33.08 -24.39 -23.44
C ARG B 60 -32.56 -25.47 -24.34
N LYS B 61 -33.25 -25.68 -25.46
CA LYS B 61 -32.95 -26.73 -26.41
C LYS B 61 -31.49 -26.69 -26.85
N MET B 62 -30.92 -25.48 -26.84
CA MET B 62 -29.55 -25.27 -27.28
C MET B 62 -28.53 -25.57 -26.17
N ILE B 63 -28.88 -25.25 -24.94
CA ILE B 63 -28.05 -25.60 -23.79
C ILE B 63 -27.95 -27.12 -23.68
N VAL B 64 -29.08 -27.80 -23.81
CA VAL B 64 -29.14 -29.24 -23.66
C VAL B 64 -28.48 -30.02 -24.80
N ALA B 65 -28.64 -29.50 -26.02
CA ALA B 65 -28.00 -30.08 -27.21
C ALA B 65 -26.52 -29.74 -27.26
N PRO B 66 -25.66 -30.75 -27.49
CA PRO B 66 -24.19 -30.60 -27.50
C PRO B 66 -23.71 -29.73 -28.65
N MET B 67 -22.59 -29.04 -28.45
CA MET B 67 -22.04 -28.12 -29.45
C MET B 67 -20.68 -28.63 -29.91
N ALA B 68 -20.08 -27.90 -30.85
CA ALA B 68 -18.75 -28.21 -31.35
C ALA B 68 -17.89 -28.97 -30.32
N ASN B 69 -17.33 -28.25 -29.35
CA ASN B 69 -16.55 -28.87 -28.27
C ASN B 69 -16.87 -28.26 -26.90
N SER B 70 -16.04 -28.56 -25.91
CA SER B 70 -16.29 -28.06 -24.56
C SER B 70 -16.20 -26.55 -24.47
N THR B 71 -15.40 -25.95 -25.35
CA THR B 71 -15.17 -24.51 -25.25
C THR B 71 -16.32 -23.70 -25.83
N GLN B 72 -17.09 -24.30 -26.73
CA GLN B 72 -18.20 -23.56 -27.30
C GLN B 72 -19.43 -23.67 -26.41
N LYS B 73 -19.44 -24.71 -25.57
CA LYS B 73 -20.54 -24.93 -24.63
C LYS B 73 -20.38 -24.06 -23.37
N LEU B 74 -19.24 -24.21 -22.71
CA LEU B 74 -18.85 -23.31 -21.64
C LEU B 74 -19.06 -21.83 -22.01
N ALA B 75 -18.80 -21.45 -23.24
CA ALA B 75 -18.85 -20.02 -23.58
C ALA B 75 -20.27 -19.60 -23.84
N PHE B 76 -21.09 -20.58 -24.23
CA PHE B 76 -22.49 -20.33 -24.46
C PHE B 76 -23.19 -20.11 -23.11
N ILE B 77 -23.04 -21.09 -22.21
CA ILE B 77 -23.59 -20.99 -20.86
C ILE B 77 -23.23 -19.66 -20.22
N ASP B 78 -21.93 -19.33 -20.23
CA ASP B 78 -21.43 -18.09 -19.65
C ASP B 78 -22.14 -16.87 -20.24
N SER B 79 -22.44 -16.91 -21.53
CA SER B 79 -23.15 -15.79 -22.13
C SER B 79 -24.59 -15.80 -21.66
N VAL B 80 -25.11 -16.97 -21.32
CA VAL B 80 -26.45 -17.04 -20.75
C VAL B 80 -26.49 -16.53 -19.32
N GLN B 81 -25.49 -16.88 -18.53
CA GLN B 81 -25.45 -16.40 -17.16
C GLN B 81 -25.22 -14.91 -17.18
N ARG B 82 -24.36 -14.44 -18.08
CA ARG B 82 -24.00 -13.04 -18.08
C ARG B 82 -25.10 -12.15 -18.67
N LEU B 83 -26.02 -12.75 -19.41
CA LEU B 83 -27.15 -11.99 -19.96
C LEU B 83 -28.25 -11.72 -18.92
N GLY B 84 -28.33 -12.58 -17.91
CA GLY B 84 -29.23 -12.36 -16.80
C GLY B 84 -30.45 -13.26 -16.83
N VAL B 85 -30.29 -14.46 -17.39
CA VAL B 85 -31.44 -15.33 -17.65
C VAL B 85 -31.10 -16.78 -17.40
N SER B 86 -30.02 -17.02 -16.68
CA SER B 86 -29.66 -18.35 -16.25
C SER B 86 -30.77 -19.01 -15.44
N TYR B 87 -31.59 -18.18 -14.76
CA TYR B 87 -32.64 -18.72 -13.89
C TYR B 87 -33.70 -19.61 -14.58
N HIS B 88 -34.04 -19.32 -15.82
CA HIS B 88 -34.96 -20.17 -16.58
C HIS B 88 -34.42 -21.59 -16.77
N PHE B 89 -33.10 -21.71 -16.90
CA PHE B 89 -32.47 -22.98 -17.30
C PHE B 89 -31.54 -23.56 -16.23
N THR B 90 -31.75 -23.14 -14.98
CA THR B 90 -30.93 -23.57 -13.85
C THR B 90 -30.54 -25.03 -13.88
N LYS B 91 -31.48 -25.91 -14.15
CA LYS B 91 -31.26 -27.36 -14.19
C LYS B 91 -30.52 -27.80 -15.44
N GLU B 92 -30.91 -27.21 -16.56
CA GLU B 92 -30.28 -27.56 -17.82
C GLU B 92 -28.80 -27.24 -17.77
N ILE B 93 -28.45 -26.27 -16.95
CA ILE B 93 -27.07 -25.81 -16.89
C ILE B 93 -26.23 -26.64 -15.91
N GLU B 94 -26.71 -26.79 -14.67
CA GLU B 94 -25.99 -27.58 -13.67
C GLU B 94 -25.73 -28.98 -14.18
N ASP B 95 -26.56 -29.40 -15.11
CA ASP B 95 -26.32 -30.62 -15.86
C ASP B 95 -25.06 -30.45 -16.67
N GLU B 96 -25.14 -29.56 -17.65
CA GLU B 96 -24.13 -29.49 -18.71
C GLU B 96 -22.73 -29.30 -18.13
N LEU B 97 -22.64 -28.63 -16.98
CA LEU B 97 -21.38 -28.39 -16.30
C LEU B 97 -20.89 -29.60 -15.50
N GLU B 98 -21.81 -30.47 -15.08
CA GLU B 98 -21.40 -31.68 -14.37
C GLU B 98 -20.73 -32.65 -15.34
N ASN B 99 -21.27 -32.73 -16.56
CA ASN B 99 -20.62 -33.49 -17.62
C ASN B 99 -19.16 -33.10 -17.69
N ILE B 100 -18.96 -31.80 -17.93
CA ILE B 100 -17.65 -31.19 -18.12
C ILE B 100 -16.70 -31.34 -16.94
N TYR B 101 -17.22 -31.62 -15.75
CA TYR B 101 -16.35 -31.71 -14.59
C TYR B 101 -15.78 -33.12 -14.40
N HIS B 102 -16.53 -34.13 -14.87
CA HIS B 102 -16.07 -35.50 -14.84
C HIS B 102 -15.29 -35.83 -16.11
N ASN B 103 -15.84 -35.38 -17.23
CA ASN B 103 -15.28 -35.70 -18.54
C ASN B 103 -14.30 -34.63 -19.02
N ASN B 104 -13.08 -34.65 -18.50
CA ASN B 104 -12.10 -33.67 -18.95
C ASN B 104 -10.70 -34.22 -19.23
N ASN B 105 -10.16 -33.82 -20.38
CA ASN B 105 -8.74 -33.98 -20.66
C ASN B 105 -8.02 -32.69 -20.27
N ASP B 106 -7.55 -32.65 -19.03
CA ASP B 106 -6.85 -31.49 -18.49
C ASP B 106 -5.60 -31.18 -19.32
N ALA B 107 -5.15 -32.15 -20.10
CA ALA B 107 -3.99 -31.97 -20.98
C ALA B 107 -4.35 -32.29 -22.43
N GLU B 108 -4.65 -31.25 -23.21
CA GLU B 108 -4.66 -29.89 -22.69
C GLU B 108 -5.77 -29.07 -23.32
N ASN B 109 -5.96 -27.87 -22.78
CA ASN B 109 -6.94 -26.91 -23.26
C ASN B 109 -6.29 -25.53 -23.26
N ASP B 110 -6.78 -24.62 -24.11
CA ASP B 110 -6.26 -23.26 -24.18
C ASP B 110 -6.13 -22.68 -22.79
N LEU B 111 -5.37 -21.60 -22.66
CA LEU B 111 -5.47 -20.78 -21.48
C LEU B 111 -6.93 -20.37 -21.34
N TYR B 112 -7.59 -20.23 -22.49
CA TYR B 112 -8.98 -19.81 -22.52
C TYR B 112 -9.86 -20.90 -21.95
N THR B 113 -9.92 -22.00 -22.68
CA THR B 113 -10.67 -23.16 -22.28
C THR B 113 -10.36 -23.50 -20.81
N THR B 114 -9.10 -23.48 -20.44
CA THR B 114 -8.76 -23.80 -19.06
C THR B 114 -9.42 -22.83 -18.08
N SER B 115 -9.21 -21.54 -18.30
CA SER B 115 -9.70 -20.53 -17.38
C SER B 115 -11.23 -20.50 -17.26
N ILE B 116 -11.93 -20.60 -18.39
CA ILE B 116 -13.38 -20.49 -18.37
C ILE B 116 -14.08 -21.72 -17.82
N ARG B 117 -13.45 -22.88 -17.90
CA ARG B 117 -14.01 -24.06 -17.25
C ARG B 117 -13.70 -24.07 -15.75
N PHE B 118 -12.70 -23.32 -15.32
CA PHE B 118 -12.38 -23.25 -13.89
C PHE B 118 -13.36 -22.30 -13.22
N ARG B 119 -13.71 -21.23 -13.93
CA ARG B 119 -14.60 -20.21 -13.40
C ARG B 119 -16.02 -20.74 -13.16
N LEU B 120 -16.66 -21.25 -14.21
CA LEU B 120 -17.99 -21.82 -14.07
C LEU B 120 -18.08 -22.96 -13.04
N LEU B 121 -17.14 -23.91 -13.06
CA LEU B 121 -17.24 -25.06 -12.15
C LEU B 121 -16.98 -24.67 -10.71
N ARG B 122 -16.14 -23.66 -10.50
CA ARG B 122 -15.83 -23.22 -9.14
C ARG B 122 -17.01 -22.43 -8.63
N GLU B 123 -17.65 -21.70 -9.53
CA GLU B 123 -18.83 -20.93 -9.16
C GLU B 123 -19.92 -21.90 -8.71
N HIS B 124 -20.07 -23.01 -9.43
CA HIS B 124 -21.11 -23.98 -9.16
C HIS B 124 -20.66 -25.07 -8.21
N GLY B 125 -19.68 -24.75 -7.37
CA GLY B 125 -19.33 -25.61 -6.26
C GLY B 125 -18.41 -26.79 -6.53
N TYR B 126 -18.03 -26.99 -7.78
CA TYR B 126 -17.17 -28.14 -8.12
C TYR B 126 -15.69 -27.92 -7.78
N ASN B 127 -15.11 -28.76 -6.93
CA ASN B 127 -13.72 -28.59 -6.51
C ASN B 127 -12.66 -28.81 -7.59
N VAL B 128 -12.64 -27.95 -8.61
CA VAL B 128 -11.54 -27.94 -9.56
C VAL B 128 -10.26 -27.40 -8.90
N SER B 129 -9.12 -28.03 -9.16
CA SER B 129 -7.88 -27.76 -8.42
C SER B 129 -7.04 -26.62 -9.01
N CYS B 130 -6.42 -25.83 -8.12
CA CYS B 130 -5.56 -24.73 -8.55
C CYS B 130 -4.40 -25.17 -9.46
N ASP B 131 -4.21 -26.48 -9.63
CA ASP B 131 -3.06 -27.00 -10.38
C ASP B 131 -3.27 -27.12 -11.90
N VAL B 132 -4.49 -26.86 -12.36
CA VAL B 132 -4.77 -26.85 -13.80
C VAL B 132 -4.04 -25.68 -14.44
N PHE B 133 -3.64 -24.73 -13.58
CA PHE B 133 -2.91 -23.54 -14.01
C PHE B 133 -1.37 -23.71 -13.95
N ASN B 134 -0.90 -24.91 -13.64
CA ASN B 134 0.54 -25.19 -13.61
C ASN B 134 1.18 -25.27 -15.01
N LYS B 135 0.44 -25.84 -15.96
CA LYS B 135 0.90 -25.99 -17.34
C LYS B 135 1.08 -24.64 -18.03
N PHE B 136 1.21 -23.57 -17.25
CA PHE B 136 1.30 -22.22 -17.81
C PHE B 136 2.42 -21.45 -17.13
N LYS B 137 3.30 -22.17 -16.46
CA LYS B 137 4.50 -21.57 -15.89
C LYS B 137 5.76 -22.22 -16.44
N ASP B 138 6.64 -21.40 -17.01
CA ASP B 138 7.95 -21.87 -17.46
C ASP B 138 8.75 -22.43 -16.28
N GLU B 139 9.82 -23.18 -16.58
CA GLU B 139 10.64 -23.79 -15.53
C GLU B 139 11.06 -22.75 -14.49
N GLN B 140 11.08 -21.50 -14.94
CA GLN B 140 11.63 -20.38 -14.18
C GLN B 140 10.72 -19.92 -13.04
N GLY B 141 9.43 -20.16 -13.19
CA GLY B 141 8.47 -19.78 -12.18
C GLY B 141 7.58 -18.66 -12.65
N ASN B 142 7.77 -18.25 -13.89
CA ASN B 142 7.06 -17.11 -14.45
C ASN B 142 6.07 -17.58 -15.52
N PHE B 143 5.07 -16.76 -15.79
CA PHE B 143 4.08 -17.12 -16.81
C PHE B 143 4.74 -17.11 -18.18
N LYS B 144 4.56 -18.22 -18.90
CA LYS B 144 5.08 -18.32 -20.25
C LYS B 144 4.71 -17.05 -21.02
N SER B 145 5.52 -16.71 -22.02
CA SER B 145 5.27 -15.48 -22.75
C SER B 145 4.18 -15.68 -23.79
N SER B 146 4.02 -16.93 -24.24
CA SER B 146 2.94 -17.26 -25.17
C SER B 146 1.60 -16.95 -24.52
N VAL B 147 1.63 -16.75 -23.21
CA VAL B 147 0.48 -16.29 -22.43
C VAL B 147 0.28 -14.79 -22.59
N THR B 148 1.36 -14.01 -22.44
CA THR B 148 1.25 -12.55 -22.55
C THR B 148 0.63 -12.11 -23.89
N SER B 149 0.65 -12.98 -24.88
CA SER B 149 0.13 -12.65 -26.21
C SER B 149 -1.35 -12.96 -26.40
N ASP B 150 -1.78 -14.15 -25.98
CA ASP B 150 -3.18 -14.58 -26.06
C ASP B 150 -4.08 -13.62 -25.27
N VAL B 151 -4.63 -12.62 -25.94
CA VAL B 151 -5.39 -11.56 -25.26
C VAL B 151 -6.73 -12.05 -24.74
N ARG B 152 -7.32 -13.03 -25.44
CA ARG B 152 -8.55 -13.66 -24.99
C ARG B 152 -8.28 -14.49 -23.73
N GLY B 153 -7.45 -15.52 -23.86
CA GLY B 153 -7.13 -16.36 -22.72
C GLY B 153 -6.69 -15.60 -21.48
N LEU B 154 -6.20 -14.37 -21.68
CA LEU B 154 -5.69 -13.54 -20.60
C LEU B 154 -6.79 -12.89 -19.78
N LEU B 155 -7.93 -12.69 -20.43
CA LEU B 155 -9.12 -12.16 -19.78
C LEU B 155 -9.83 -13.28 -19.01
N GLU B 156 -9.90 -14.45 -19.62
CA GLU B 156 -10.48 -15.57 -18.92
C GLU B 156 -9.69 -15.82 -17.66
N LEU B 157 -8.37 -15.70 -17.77
CA LEU B 157 -7.49 -15.95 -16.62
C LEU B 157 -7.72 -14.87 -15.58
N TYR B 158 -8.19 -13.72 -16.04
CA TYR B 158 -8.45 -12.63 -15.12
C TYR B 158 -9.68 -12.89 -14.28
N GLN B 159 -10.80 -13.18 -14.95
CA GLN B 159 -12.05 -13.52 -14.26
C GLN B 159 -11.80 -14.71 -13.35
N ALA B 160 -11.31 -15.79 -13.95
CA ALA B 160 -11.05 -17.03 -13.27
C ALA B 160 -10.34 -16.85 -11.94
N SER B 161 -9.51 -15.82 -11.86
CA SER B 161 -8.68 -15.62 -10.67
C SER B 161 -9.50 -15.09 -9.49
N TYR B 162 -10.71 -14.61 -9.76
CA TYR B 162 -11.55 -14.10 -8.69
C TYR B 162 -12.26 -15.25 -7.95
N LEU B 163 -12.15 -16.44 -8.50
CA LEU B 163 -12.75 -17.55 -7.80
C LEU B 163 -11.76 -18.22 -6.84
N ARG B 164 -10.60 -17.60 -6.67
CA ARG B 164 -9.59 -18.21 -5.85
C ARG B 164 -10.03 -18.25 -4.39
N VAL B 165 -9.57 -19.27 -3.66
CA VAL B 165 -9.79 -19.38 -2.23
C VAL B 165 -8.42 -19.24 -1.57
N HIS B 166 -8.29 -19.65 -0.32
CA HIS B 166 -6.97 -19.67 0.31
C HIS B 166 -6.04 -20.74 -0.26
N GLY B 167 -4.76 -20.66 0.11
CA GLY B 167 -3.77 -21.60 -0.36
C GLY B 167 -3.75 -21.85 -1.86
N GLU B 168 -3.90 -20.80 -2.64
CA GLU B 168 -3.74 -20.95 -4.08
C GLU B 168 -2.85 -19.83 -4.58
N ASP B 169 -1.60 -19.81 -4.15
CA ASP B 169 -0.75 -18.69 -4.52
C ASP B 169 -0.65 -18.51 -6.03
N ILE B 170 -0.78 -19.57 -6.81
CA ILE B 170 -0.70 -19.38 -8.25
C ILE B 170 -1.76 -18.42 -8.83
N LEU B 171 -2.89 -18.30 -8.15
CA LEU B 171 -3.90 -17.35 -8.59
C LEU B 171 -3.68 -16.00 -7.92
N ASP B 172 -3.31 -16.03 -6.64
CA ASP B 172 -2.90 -14.84 -5.92
C ASP B 172 -1.88 -14.08 -6.80
N GLU B 173 -1.26 -14.80 -7.76
CA GLU B 173 -0.35 -14.21 -8.75
C GLU B 173 -1.04 -13.85 -10.07
N ALA B 174 -1.78 -14.78 -10.63
CA ALA B 174 -2.43 -14.57 -11.93
C ALA B 174 -3.25 -13.28 -11.98
N ILE B 175 -3.69 -12.79 -10.82
CA ILE B 175 -4.46 -11.55 -10.75
C ILE B 175 -3.61 -10.31 -11.04
N SER B 176 -2.52 -10.14 -10.28
CA SER B 176 -1.54 -9.07 -10.50
C SER B 176 -1.01 -9.09 -11.92
N PHE B 177 -0.61 -10.28 -12.36
CA PHE B 177 -0.14 -10.49 -13.74
C PHE B 177 -1.17 -9.94 -14.71
N THR B 178 -2.22 -10.72 -14.96
CA THR B 178 -3.23 -10.41 -15.96
C THR B 178 -3.74 -8.96 -15.92
N THR B 179 -3.66 -8.32 -14.76
CA THR B 179 -4.09 -6.93 -14.64
C THR B 179 -3.14 -5.98 -15.35
N HIS B 180 -1.84 -6.28 -15.24
CA HIS B 180 -0.75 -5.62 -15.97
C HIS B 180 -0.99 -5.75 -17.47
N HIS B 181 -0.87 -6.97 -17.99
CA HIS B 181 -0.86 -7.14 -19.43
C HIS B 181 -2.18 -6.69 -20.09
N LEU B 182 -3.18 -6.40 -19.25
CA LEU B 182 -4.50 -6.00 -19.75
C LEU B 182 -4.68 -4.49 -19.79
N SER B 183 -4.31 -3.81 -18.70
CA SER B 183 -4.16 -2.35 -18.73
C SER B 183 -3.39 -1.92 -19.98
N LEU B 184 -2.18 -2.44 -20.12
CA LEU B 184 -1.28 -2.08 -21.22
C LEU B 184 -1.74 -2.56 -22.59
N ALA B 185 -2.48 -3.67 -22.65
CA ALA B 185 -2.91 -4.20 -23.94
C ALA B 185 -4.29 -3.71 -24.37
N VAL B 186 -4.87 -2.80 -23.59
CA VAL B 186 -6.17 -2.23 -23.90
C VAL B 186 -6.12 -1.42 -25.20
N ALA B 187 -5.21 -0.44 -25.23
CA ALA B 187 -5.09 0.49 -26.36
C ALA B 187 -5.08 -0.17 -27.74
N SER B 188 -4.23 -1.17 -27.90
CA SER B 188 -4.10 -1.87 -29.18
C SER B 188 -5.22 -2.89 -29.35
N LEU B 189 -6.41 -2.55 -28.87
CA LEU B 189 -7.52 -3.49 -28.92
C LEU B 189 -8.69 -2.99 -29.75
N ASP B 190 -9.32 -3.90 -30.48
CA ASP B 190 -10.47 -3.54 -31.30
C ASP B 190 -11.80 -3.93 -30.66
N HIS B 191 -12.68 -2.94 -30.48
CA HIS B 191 -14.05 -3.17 -30.01
C HIS B 191 -14.63 -4.44 -30.64
N PRO B 192 -15.45 -5.19 -29.88
CA PRO B 192 -15.95 -4.95 -28.51
C PRO B 192 -15.00 -5.41 -27.39
N LEU B 193 -13.99 -6.20 -27.74
CA LEU B 193 -12.99 -6.66 -26.78
C LEU B 193 -12.39 -5.57 -25.89
N SER B 194 -12.10 -4.40 -26.43
CA SER B 194 -11.51 -3.34 -25.60
C SER B 194 -12.45 -2.91 -24.48
N GLU B 195 -13.76 -2.98 -24.75
CA GLU B 195 -14.77 -2.65 -23.75
C GLU B 195 -14.90 -3.79 -22.72
N GLU B 196 -14.86 -5.03 -23.16
CA GLU B 196 -14.88 -6.11 -22.19
C GLU B 196 -13.70 -5.96 -21.23
N VAL B 197 -12.49 -5.86 -21.78
CA VAL B 197 -11.30 -5.74 -20.95
C VAL B 197 -11.34 -4.50 -20.08
N SER B 198 -11.62 -3.34 -20.65
CA SER B 198 -11.56 -2.13 -19.84
C SER B 198 -12.63 -2.21 -18.76
N HIS B 199 -13.78 -2.78 -19.09
CA HIS B 199 -14.83 -2.99 -18.10
C HIS B 199 -14.44 -4.06 -17.06
N ALA B 200 -13.91 -5.18 -17.53
CA ALA B 200 -13.41 -6.23 -16.65
C ALA B 200 -12.43 -5.71 -15.62
N LEU B 201 -11.76 -4.61 -15.93
CA LEU B 201 -10.72 -4.08 -15.05
C LEU B 201 -11.36 -3.20 -14.00
N LYS B 202 -12.38 -2.46 -14.41
CA LYS B 202 -13.15 -1.67 -13.46
C LYS B 202 -13.96 -2.61 -12.53
N GLN B 203 -14.38 -3.77 -13.06
CA GLN B 203 -15.39 -4.58 -12.38
C GLN B 203 -15.37 -6.06 -12.75
N SER B 204 -14.94 -6.92 -11.83
CA SER B 204 -14.90 -8.36 -12.14
C SER B 204 -16.29 -8.93 -12.28
N ILE B 205 -16.41 -10.11 -12.87
CA ILE B 205 -17.68 -10.79 -12.99
C ILE B 205 -18.13 -11.40 -11.67
N ARG B 206 -17.24 -12.15 -11.04
CA ARG B 206 -17.64 -12.83 -9.81
C ARG B 206 -18.22 -11.82 -8.82
N ARG B 207 -17.75 -10.58 -8.89
CA ARG B 207 -18.06 -9.59 -7.86
C ARG B 207 -19.09 -8.58 -8.30
N GLY B 208 -19.56 -8.68 -9.52
CA GLY B 208 -20.57 -7.75 -9.99
C GLY B 208 -21.96 -8.24 -9.67
N LEU B 209 -22.87 -7.29 -9.46
CA LEU B 209 -24.30 -7.58 -9.34
C LEU B 209 -24.81 -8.08 -10.68
N PRO B 210 -25.38 -9.29 -10.69
CA PRO B 210 -25.73 -9.93 -11.96
C PRO B 210 -26.65 -9.09 -12.86
N ARG B 211 -27.51 -8.22 -12.32
CA ARG B 211 -28.39 -7.43 -13.20
C ARG B 211 -27.78 -6.17 -13.81
N VAL B 212 -26.95 -5.46 -13.05
CA VAL B 212 -26.20 -4.34 -13.59
C VAL B 212 -25.23 -4.82 -14.69
N GLU B 213 -24.72 -6.03 -14.52
CA GLU B 213 -23.73 -6.55 -15.44
C GLU B 213 -24.42 -7.10 -16.67
N ALA B 214 -25.60 -7.66 -16.47
CA ALA B 214 -26.39 -8.17 -17.58
C ALA B 214 -26.67 -7.00 -18.53
N ARG B 215 -27.12 -5.87 -18.00
CA ARG B 215 -27.35 -4.71 -18.84
C ARG B 215 -26.13 -4.37 -19.71
N HIS B 216 -24.97 -4.14 -19.06
CA HIS B 216 -23.72 -3.86 -19.80
C HIS B 216 -23.33 -4.95 -20.79
N TYR B 217 -23.45 -6.21 -20.41
CA TYR B 217 -23.14 -7.31 -21.32
C TYR B 217 -24.14 -7.46 -22.48
N LEU B 218 -25.25 -6.74 -22.43
CA LEU B 218 -26.16 -6.72 -23.59
C LEU B 218 -25.61 -5.81 -24.70
N SER B 219 -25.13 -4.63 -24.31
CA SER B 219 -24.39 -3.75 -25.22
C SER B 219 -23.28 -4.46 -25.96
N VAL B 220 -22.39 -5.13 -25.22
CA VAL B 220 -21.26 -5.79 -25.83
C VAL B 220 -21.61 -7.11 -26.49
N TYR B 221 -22.67 -7.76 -26.04
CA TYR B 221 -22.99 -9.05 -26.65
C TYR B 221 -23.46 -8.89 -28.09
N GLN B 222 -24.37 -7.79 -28.30
CA GLN B 222 -24.98 -7.52 -29.59
C GLN B 222 -23.91 -7.29 -30.65
N ASP B 223 -22.81 -6.66 -30.23
CA ASP B 223 -21.63 -6.59 -31.07
C ASP B 223 -21.05 -8.00 -31.14
N GLU B 225 -20.28 -10.24 -32.82
CA GLU B 225 -20.44 -11.01 -34.06
C GLU B 225 -20.20 -12.49 -33.74
N SER B 226 -21.03 -13.35 -34.32
CA SER B 226 -21.06 -14.75 -34.00
C SER B 226 -21.99 -14.97 -32.82
N HIS B 227 -22.36 -13.85 -32.11
CA HIS B 227 -23.26 -13.93 -31.00
C HIS B 227 -24.52 -14.54 -31.55
N ASN B 228 -25.01 -15.55 -30.88
CA ASN B 228 -26.26 -16.22 -31.23
C ASN B 228 -27.41 -15.21 -31.21
N LYS B 229 -28.19 -15.15 -32.29
CA LYS B 229 -29.28 -14.17 -32.40
C LYS B 229 -30.48 -14.45 -31.49
N ALA B 230 -30.86 -15.73 -31.38
CA ALA B 230 -31.95 -16.13 -30.50
C ALA B 230 -31.72 -15.60 -29.10
N LEU B 231 -30.63 -16.06 -28.49
CA LEU B 231 -30.26 -15.70 -27.14
C LEU B 231 -30.32 -14.19 -26.93
N LEU B 232 -29.82 -13.44 -27.90
CA LEU B 232 -29.72 -12.00 -27.75
C LEU B 232 -31.09 -11.32 -27.78
N GLU B 233 -32.04 -11.90 -28.50
CA GLU B 233 -33.39 -11.33 -28.48
C GLU B 233 -34.09 -11.83 -27.22
N PHE B 234 -33.93 -13.12 -26.93
CA PHE B 234 -34.51 -13.64 -25.71
C PHE B 234 -34.11 -12.78 -24.51
N ALA B 235 -32.84 -12.46 -24.41
CA ALA B 235 -32.35 -11.65 -23.28
C ALA B 235 -32.89 -10.23 -23.30
N LYS B 236 -32.95 -9.62 -24.48
CA LYS B 236 -33.44 -8.24 -24.59
C LYS B 236 -34.88 -8.13 -24.06
N ILE B 237 -35.66 -9.18 -24.33
CA ILE B 237 -37.06 -9.18 -23.95
C ILE B 237 -37.17 -9.38 -22.45
N ASP B 238 -36.57 -10.47 -21.96
CA ASP B 238 -36.68 -10.81 -20.55
C ASP B 238 -36.29 -9.61 -19.70
N PHE B 239 -35.34 -8.84 -20.17
CA PHE B 239 -34.91 -7.66 -19.45
C PHE B 239 -36.08 -6.70 -19.23
N ASN B 240 -36.83 -6.42 -20.28
CA ASN B 240 -38.00 -5.56 -20.16
C ASN B 240 -39.12 -6.22 -19.34
N MET B 241 -39.38 -7.50 -19.59
CA MET B 241 -40.38 -8.21 -18.79
C MET B 241 -40.09 -8.01 -17.31
N LEU B 242 -38.80 -8.02 -16.96
CA LEU B 242 -38.38 -7.96 -15.57
C LEU B 242 -38.30 -6.55 -15.06
N GLN B 243 -37.90 -5.63 -15.93
CA GLN B 243 -37.85 -4.22 -15.54
C GLN B 243 -39.25 -3.66 -15.29
N PHE B 244 -40.22 -4.14 -16.08
CA PHE B 244 -41.61 -3.81 -15.83
C PHE B 244 -41.99 -4.30 -14.43
N LEU B 245 -41.80 -5.60 -14.19
CA LEU B 245 -42.02 -6.19 -12.86
C LEU B 245 -41.44 -5.33 -11.74
N HIS B 246 -40.16 -5.01 -11.84
CA HIS B 246 -39.51 -4.22 -10.80
C HIS B 246 -40.12 -2.82 -10.70
N ARG B 247 -40.58 -2.24 -11.81
CA ARG B 247 -41.23 -0.93 -11.70
C ARG B 247 -42.54 -0.98 -10.87
N LYS B 248 -43.40 -1.97 -11.12
CA LYS B 248 -44.58 -2.19 -10.26
C LYS B 248 -44.21 -2.22 -8.77
N GLU B 249 -43.46 -3.24 -8.37
CA GLU B 249 -43.00 -3.36 -6.99
C GLU B 249 -42.54 -2.02 -6.38
N LEU B 250 -41.74 -1.28 -7.12
CA LEU B 250 -41.22 -0.02 -6.61
C LEU B 250 -42.32 1.04 -6.54
N SER B 251 -43.27 0.97 -7.48
CA SER B 251 -44.46 1.80 -7.42
C SER B 251 -45.18 1.51 -6.11
N GLU B 252 -45.60 0.25 -5.95
CA GLU B 252 -46.29 -0.19 -4.73
C GLU B 252 -45.52 0.21 -3.47
N ILE B 253 -44.21 0.43 -3.63
CA ILE B 253 -43.35 0.72 -2.49
C ILE B 253 -43.21 2.22 -2.24
N CYS B 254 -43.03 2.99 -3.32
CA CYS B 254 -42.98 4.45 -3.18
C CYS B 254 -44.31 4.96 -2.61
N ARG B 255 -45.41 4.32 -3.01
CA ARG B 255 -46.74 4.63 -2.47
C ARG B 255 -46.83 4.35 -0.97
N TRP B 256 -46.36 3.17 -0.55
CA TRP B 256 -46.30 2.81 0.86
C TRP B 256 -45.50 3.81 1.71
N TRP B 257 -44.40 4.33 1.15
CA TRP B 257 -43.52 5.25 1.87
C TRP B 257 -44.06 6.68 1.89
N LYS B 258 -44.94 6.97 0.94
CA LYS B 258 -45.57 8.28 0.87
C LYS B 258 -46.47 8.48 2.09
N ASP B 259 -47.31 7.49 2.37
CA ASP B 259 -48.26 7.57 3.48
C ASP B 259 -47.57 7.79 4.83
N LEU B 260 -46.40 7.20 5.00
CA LEU B 260 -45.62 7.40 6.23
C LEU B 260 -45.47 8.87 6.50
N ASP B 261 -45.10 9.61 5.45
CA ASP B 261 -44.99 11.05 5.56
C ASP B 261 -43.86 11.33 6.52
N PHE B 262 -42.69 10.77 6.26
CA PHE B 262 -41.52 11.04 7.09
C PHE B 262 -40.89 12.36 6.72
N GLN B 263 -41.54 13.07 5.81
CA GLN B 263 -41.07 14.38 5.40
C GLN B 263 -41.37 15.42 6.49
N ARG B 264 -42.62 15.45 6.95
CA ARG B 264 -43.03 16.40 7.99
C ARG B 264 -43.10 15.79 9.39
N LYS B 265 -42.78 14.49 9.51
CA LYS B 265 -42.80 13.81 10.81
C LYS B 265 -41.38 13.53 11.34
N LEU B 266 -40.46 13.20 10.44
CA LEU B 266 -39.06 12.95 10.80
C LEU B 266 -38.10 13.89 10.10
N PRO B 267 -37.82 15.04 10.74
CA PRO B 267 -36.91 16.07 10.22
C PRO B 267 -35.44 15.66 9.98
N TYR B 268 -34.94 14.64 10.69
CA TYR B 268 -33.51 14.24 10.59
C TYR B 268 -33.25 13.19 9.52
N ALA B 269 -34.31 12.47 9.17
CA ALA B 269 -34.22 11.36 8.23
C ALA B 269 -33.75 11.83 6.86
N ARG B 270 -33.15 10.91 6.10
CA ARG B 270 -32.84 11.17 4.71
C ARG B 270 -33.99 10.64 3.85
N ASP B 271 -33.76 10.51 2.55
CA ASP B 271 -34.65 9.73 1.68
C ASP B 271 -33.80 8.86 0.76
N ARG B 272 -33.81 7.56 1.02
CA ARG B 272 -33.06 6.63 0.19
C ARG B 272 -33.88 5.41 -0.19
N VAL B 273 -35.20 5.53 -0.20
CA VAL B 273 -36.03 4.38 -0.49
C VAL B 273 -35.71 3.79 -1.85
N VAL B 274 -35.38 4.65 -2.80
CA VAL B 274 -35.12 4.16 -4.14
C VAL B 274 -33.77 3.47 -4.19
N GLU B 275 -32.77 4.06 -3.57
CA GLU B 275 -31.50 3.36 -3.38
C GLU B 275 -31.78 2.06 -2.63
N GLY B 276 -32.61 2.15 -1.59
CA GLY B 276 -33.01 0.99 -0.83
C GLY B 276 -33.48 -0.13 -1.74
N TYR B 277 -34.47 0.17 -2.58
CA TYR B 277 -34.95 -0.82 -3.52
C TYR B 277 -33.82 -1.37 -4.38
N PHE B 278 -32.93 -0.52 -4.85
CA PHE B 278 -31.86 -0.99 -5.74
C PHE B 278 -30.90 -2.01 -5.09
N TRP B 279 -30.53 -1.71 -3.82
CA TRP B 279 -29.69 -2.58 -2.97
C TRP B 279 -30.39 -3.97 -2.89
N ILE B 280 -31.61 -3.99 -2.34
CA ILE B 280 -32.46 -5.20 -2.25
C ILE B 280 -32.66 -5.98 -3.56
N SER B 281 -32.86 -5.28 -4.67
CA SER B 281 -33.11 -5.96 -5.92
C SER B 281 -31.86 -6.70 -6.34
N GLY B 282 -30.74 -6.31 -5.72
CA GLY B 282 -29.44 -6.90 -6.00
C GLY B 282 -29.30 -8.21 -5.24
N VAL B 283 -29.83 -8.22 -4.02
CA VAL B 283 -30.01 -9.44 -3.23
C VAL B 283 -30.69 -10.53 -4.09
N TYR B 284 -31.85 -10.22 -4.67
CA TYR B 284 -32.42 -11.08 -5.73
C TYR B 284 -33.26 -10.32 -6.69
N PHE B 285 -33.11 -10.64 -7.98
CA PHE B 285 -33.80 -9.89 -9.02
C PHE B 285 -34.96 -10.71 -9.56
N GLU B 286 -34.74 -12.01 -9.74
CA GLU B 286 -35.75 -12.93 -10.26
C GLU B 286 -37.20 -12.59 -9.89
N PRO B 287 -38.14 -13.04 -10.70
CA PRO B 287 -39.55 -12.68 -10.55
C PRO B 287 -40.16 -13.37 -9.36
N GLN B 288 -39.76 -14.62 -9.13
CA GLN B 288 -40.30 -15.37 -8.00
C GLN B 288 -39.99 -14.74 -6.64
N TYR B 289 -39.08 -13.77 -6.60
CA TYR B 289 -38.80 -13.14 -5.32
C TYR B 289 -39.53 -11.82 -5.26
N SER B 290 -40.53 -11.69 -6.11
CA SER B 290 -41.38 -10.52 -6.09
C SER B 290 -41.77 -10.21 -4.64
N LEU B 291 -42.35 -11.18 -3.95
CA LEU B 291 -42.79 -10.94 -2.58
C LEU B 291 -41.59 -10.54 -1.70
N GLY B 292 -40.42 -11.10 -2.02
CA GLY B 292 -39.23 -10.88 -1.22
C GLY B 292 -38.67 -9.46 -1.21
N ARG B 293 -38.47 -8.89 -2.39
CA ARG B 293 -37.96 -7.53 -2.51
C ARG B 293 -38.96 -6.57 -1.86
N LYS B 294 -40.23 -6.92 -2.01
CA LYS B 294 -41.31 -6.07 -1.51
C LYS B 294 -41.16 -5.90 0.00
N MET B 295 -40.90 -6.99 0.71
CA MET B 295 -40.76 -6.90 2.16
C MET B 295 -39.38 -6.46 2.56
N LEU B 296 -38.39 -6.87 1.78
CA LEU B 296 -37.03 -6.61 2.17
C LEU B 296 -36.71 -5.13 2.02
N THR B 297 -37.30 -4.51 1.00
CA THR B 297 -37.19 -3.07 0.78
C THR B 297 -37.76 -2.33 1.98
N LYS B 298 -38.99 -2.69 2.33
CA LYS B 298 -39.64 -2.13 3.52
C LYS B 298 -38.67 -2.12 4.70
N VAL B 299 -38.08 -3.30 5.01
CA VAL B 299 -37.13 -3.40 6.14
C VAL B 299 -35.87 -2.57 5.94
N ILE B 300 -35.30 -2.58 4.74
CA ILE B 300 -34.11 -1.76 4.59
C ILE B 300 -34.45 -0.30 4.87
N ALA B 301 -35.65 0.15 4.49
CA ALA B 301 -36.04 1.54 4.70
C ALA B 301 -36.08 1.87 6.19
N MET B 302 -36.89 1.11 6.92
CA MET B 302 -36.86 1.18 8.39
C MET B 302 -35.47 0.99 9.02
N ALA B 303 -34.63 0.13 8.45
CA ALA B 303 -33.27 0.02 8.94
C ALA B 303 -32.65 1.38 8.84
N SER B 304 -32.61 1.93 7.63
CA SER B 304 -32.04 3.26 7.44
C SER B 304 -32.60 4.24 8.46
N ILE B 305 -33.93 4.32 8.55
CA ILE B 305 -34.54 5.28 9.45
C ILE B 305 -33.97 5.13 10.85
N VAL B 306 -33.78 3.88 11.27
CA VAL B 306 -33.27 3.66 12.61
C VAL B 306 -31.78 3.97 12.76
N ASP B 307 -30.98 3.70 11.73
CA ASP B 307 -29.57 4.03 11.81
C ASP B 307 -29.38 5.54 11.88
N ASP B 308 -30.33 6.27 11.32
CA ASP B 308 -30.28 7.71 11.36
C ASP B 308 -30.57 8.21 12.77
N THR B 309 -31.69 7.78 13.35
CA THR B 309 -32.01 8.19 14.71
C THR B 309 -30.75 8.19 15.60
N TYR B 310 -30.02 7.07 15.58
CA TYR B 310 -28.79 6.92 16.38
C TYR B 310 -27.65 7.86 15.94
N ASP B 311 -27.88 8.66 14.90
CA ASP B 311 -26.84 9.56 14.35
C ASP B 311 -27.18 11.06 14.42
N SER B 312 -28.45 11.39 14.67
CA SER B 312 -28.87 12.78 14.82
C SER B 312 -28.60 13.27 16.24
N TYR B 313 -29.08 14.48 16.55
CA TYR B 313 -28.92 15.06 17.88
C TYR B 313 -29.68 14.23 18.90
N ALA B 314 -29.83 12.94 18.62
CA ALA B 314 -30.34 12.01 19.61
C ALA B 314 -29.26 11.86 20.66
N THR B 315 -29.58 12.26 21.89
CA THR B 315 -28.66 12.12 22.99
C THR B 315 -28.59 10.65 23.39
N TYR B 316 -27.52 10.29 24.09
CA TYR B 316 -27.31 8.89 24.44
C TYR B 316 -28.30 8.37 25.49
N GLU B 317 -28.95 9.29 26.21
CA GLU B 317 -29.93 8.89 27.22
C GLU B 317 -31.31 8.80 26.61
N GLU B 318 -31.50 9.46 25.47
CA GLU B 318 -32.68 9.21 24.67
C GLU B 318 -32.51 7.84 24.01
N LEU B 319 -31.31 7.55 23.52
CA LEU B 319 -31.05 6.24 22.91
C LEU B 319 -31.25 5.00 23.82
N ILE B 320 -30.88 5.02 25.13
CA ILE B 320 -30.99 3.75 25.91
C ILE B 320 -32.44 3.26 26.05
N PRO B 321 -33.44 4.13 26.22
CA PRO B 321 -34.83 3.67 26.30
C PRO B 321 -35.35 3.34 24.93
N TYR B 322 -34.69 3.86 23.91
CA TYR B 322 -35.07 3.56 22.55
C TYR B 322 -34.66 2.13 22.28
N THR B 323 -33.36 1.88 22.40
CA THR B 323 -32.80 0.54 22.29
C THR B 323 -33.61 -0.45 23.12
N ASN B 324 -33.86 -0.11 24.37
CA ASN B 324 -34.63 -0.97 25.26
C ASN B 324 -36.01 -1.23 24.69
N ALA B 325 -36.64 -0.19 24.19
CA ALA B 325 -37.95 -0.37 23.59
C ALA B 325 -37.89 -1.33 22.40
N ILE B 326 -36.78 -1.29 21.64
CA ILE B 326 -36.66 -2.25 20.52
C ILE B 326 -36.39 -3.68 20.98
N GLU B 327 -35.65 -3.86 22.08
CA GLU B 327 -35.42 -5.19 22.62
C GLU B 327 -36.74 -5.82 23.11
N ARG B 328 -37.52 -5.04 23.86
CA ARG B 328 -38.83 -5.49 24.36
C ARG B 328 -39.85 -5.64 23.23
N TRP B 329 -39.76 -4.75 22.23
CA TRP B 329 -40.58 -4.83 21.01
C TRP B 329 -42.07 -5.14 21.19
N ASP B 330 -42.82 -4.14 21.64
CA ASP B 330 -44.27 -4.24 21.82
C ASP B 330 -44.81 -2.82 21.65
N ILE B 331 -46.09 -2.71 21.27
CA ILE B 331 -46.72 -1.43 21.06
C ILE B 331 -46.88 -0.72 22.42
N LYS B 332 -46.84 -1.52 23.48
CA LYS B 332 -46.87 -1.01 24.84
C LYS B 332 -45.68 -0.10 25.16
N CYS B 333 -44.57 -0.29 24.46
CA CYS B 333 -43.34 0.45 24.76
C CYS B 333 -43.29 1.81 24.08
N ILE B 334 -44.32 2.12 23.30
CA ILE B 334 -44.35 3.37 22.54
C ILE B 334 -44.52 4.58 23.44
N ASP B 335 -44.90 4.31 24.69
CA ASP B 335 -45.11 5.35 25.71
C ASP B 335 -43.94 5.40 26.69
N GLU B 336 -42.84 4.73 26.35
CA GLU B 336 -41.65 4.72 27.21
C GLU B 336 -40.48 5.53 26.62
N ILE B 337 -40.70 6.09 25.43
CA ILE B 337 -39.62 6.73 24.65
C ILE B 337 -39.92 8.16 24.17
N PRO B 338 -38.89 9.01 24.06
CA PRO B 338 -39.00 10.35 23.46
C PRO B 338 -40.02 10.40 22.34
N GLU B 339 -40.79 11.49 22.32
CA GLU B 339 -41.92 11.63 21.42
C GLU B 339 -41.50 11.52 19.97
N TYR B 340 -40.41 12.18 19.62
CA TYR B 340 -39.99 12.24 18.23
C TYR B 340 -39.47 10.90 17.69
N MET B 341 -39.46 9.88 18.54
CA MET B 341 -39.08 8.53 18.10
C MET B 341 -40.28 7.67 17.76
N LYS B 342 -41.40 7.91 18.45
CA LYS B 342 -42.65 7.17 18.24
C LYS B 342 -43.10 6.87 16.79
N PRO B 343 -42.93 7.83 15.86
CA PRO B 343 -43.41 7.52 14.51
C PRO B 343 -42.49 6.51 13.81
N SER B 344 -41.26 6.36 14.30
CA SER B 344 -40.38 5.35 13.73
C SER B 344 -40.60 4.03 14.42
N TYR B 345 -40.81 4.06 15.73
CA TYR B 345 -41.09 2.84 16.48
C TYR B 345 -42.40 2.22 16.03
N LYS B 346 -43.38 3.07 15.72
CA LYS B 346 -44.67 2.61 15.22
C LYS B 346 -44.48 1.95 13.86
N ALA B 347 -43.84 2.68 12.95
CA ALA B 347 -43.52 2.17 11.63
C ALA B 347 -42.70 0.89 11.68
N LEU B 348 -41.87 0.75 12.71
CA LEU B 348 -41.11 -0.47 12.88
C LEU B 348 -42.05 -1.65 13.13
N LEU B 349 -42.83 -1.60 14.20
CA LEU B 349 -43.71 -2.74 14.51
C LEU B 349 -44.70 -3.07 13.39
N ASP B 350 -45.14 -2.05 12.66
CA ASP B 350 -46.15 -2.29 11.62
C ASP B 350 -45.57 -3.09 10.50
N VAL B 351 -44.35 -2.73 10.10
CA VAL B 351 -43.63 -3.43 9.02
C VAL B 351 -43.54 -4.92 9.27
N TYR B 352 -43.10 -5.30 10.47
CA TYR B 352 -42.96 -6.71 10.75
C TYR B 352 -44.33 -7.34 10.89
N GLU B 353 -45.26 -6.58 11.47
CA GLU B 353 -46.61 -7.07 11.62
C GLU B 353 -47.22 -7.35 10.26
N GLU B 354 -46.95 -6.50 9.28
CA GLU B 354 -47.47 -6.76 7.96
C GLU B 354 -46.84 -8.05 7.42
N MET B 355 -45.65 -8.38 7.90
CA MET B 355 -44.94 -9.56 7.38
C MET B 355 -45.58 -10.84 7.90
N VAL B 356 -45.78 -10.91 9.20
CA VAL B 356 -46.52 -12.01 9.76
C VAL B 356 -47.77 -12.22 8.91
N GLN B 357 -48.58 -11.17 8.73
CA GLN B 357 -49.72 -11.26 7.85
C GLN B 357 -49.35 -11.77 6.45
N LEU B 358 -48.37 -11.14 5.81
CA LEU B 358 -48.01 -11.44 4.41
C LEU B 358 -47.63 -12.90 4.15
N VAL B 359 -47.47 -13.65 5.22
CA VAL B 359 -46.78 -14.92 5.15
C VAL B 359 -47.60 -16.08 5.75
N ALA B 360 -48.30 -15.78 6.84
CA ALA B 360 -49.33 -16.65 7.43
C ALA B 360 -50.11 -17.51 6.41
N GLU B 361 -50.15 -17.08 5.15
CA GLU B 361 -50.89 -17.84 4.16
C GLU B 361 -50.30 -19.24 3.96
N HIS B 362 -49.07 -19.44 4.43
CA HIS B 362 -48.39 -20.73 4.27
C HIS B 362 -47.76 -21.20 5.58
N GLY B 363 -48.05 -20.46 6.64
CA GLY B 363 -47.67 -20.88 7.98
C GLY B 363 -46.20 -20.71 8.15
N ARG B 364 -45.67 -19.69 7.49
CA ARG B 364 -44.25 -19.42 7.52
C ARG B 364 -43.98 -18.27 8.48
N GLN B 365 -44.78 -18.22 9.55
CA GLN B 365 -44.69 -17.14 10.54
C GLN B 365 -43.44 -17.25 11.42
N TYR B 366 -42.96 -18.47 11.64
CA TYR B 366 -41.76 -18.66 12.47
C TYR B 366 -40.66 -17.77 11.90
N ARG B 367 -40.63 -17.64 10.58
CA ARG B 367 -39.63 -16.81 9.92
C ARG B 367 -39.49 -15.35 10.42
N VAL B 368 -40.59 -14.72 10.80
CA VAL B 368 -40.56 -13.29 11.15
C VAL B 368 -39.93 -13.00 12.50
N GLU B 369 -40.05 -13.95 13.42
CA GLU B 369 -39.40 -13.85 14.72
C GLU B 369 -37.87 -13.74 14.58
N TYR B 370 -37.28 -14.57 13.73
CA TYR B 370 -35.84 -14.52 13.53
C TYR B 370 -35.43 -13.18 12.90
N ALA B 371 -36.19 -12.73 11.90
CA ALA B 371 -35.94 -11.41 11.31
C ALA B 371 -36.10 -10.31 12.35
N LYS B 372 -37.07 -10.46 13.24
CA LYS B 372 -37.26 -9.47 14.28
C LYS B 372 -36.04 -9.45 15.17
N ASN B 373 -35.64 -10.62 15.65
CA ASN B 373 -34.43 -10.73 16.47
C ASN B 373 -33.15 -10.22 15.82
N ALA B 374 -33.00 -10.49 14.52
CA ALA B 374 -31.85 -9.98 13.77
C ALA B 374 -31.82 -8.45 13.85
N MET B 375 -32.98 -7.83 13.64
CA MET B 375 -33.09 -6.38 13.73
C MET B 375 -32.81 -5.85 15.15
N ILE B 376 -33.30 -6.55 16.18
CA ILE B 376 -33.03 -6.11 17.53
C ILE B 376 -31.53 -6.10 17.74
N ARG B 377 -30.83 -7.07 17.14
CA ARG B 377 -29.38 -7.22 17.38
C ARG B 377 -28.63 -6.04 16.75
N LEU B 378 -29.14 -5.59 15.62
CA LEU B 378 -28.60 -4.42 14.95
C LEU B 378 -28.75 -3.18 15.85
N ALA B 379 -29.96 -2.96 16.35
CA ALA B 379 -30.17 -1.83 17.26
C ALA B 379 -29.11 -1.86 18.35
N GLN B 380 -29.00 -2.99 19.06
CA GLN B 380 -28.04 -3.15 20.16
C GLN B 380 -26.61 -2.77 19.80
N SER B 381 -26.19 -3.11 18.59
CA SER B 381 -24.87 -2.71 18.17
C SER B 381 -24.85 -1.21 17.96
N TYR B 382 -25.91 -0.66 17.37
CA TYR B 382 -26.03 0.78 17.17
C TYR B 382 -25.89 1.54 18.50
N LEU B 383 -26.60 1.08 19.53
CA LEU B 383 -26.47 1.68 20.86
C LEU B 383 -24.99 1.86 21.21
N VAL B 384 -24.19 0.81 21.00
CA VAL B 384 -22.79 0.84 21.40
C VAL B 384 -21.99 1.84 20.56
N GLU B 385 -22.11 1.76 19.24
CA GLU B 385 -21.36 2.66 18.37
C GLU B 385 -21.64 4.13 18.73
N ALA B 386 -22.90 4.42 19.07
CA ALA B 386 -23.27 5.74 19.55
C ALA B 386 -22.52 6.14 20.84
N LYS B 387 -22.66 5.33 21.89
CA LYS B 387 -21.94 5.57 23.12
C LYS B 387 -20.53 6.04 22.84
N TRP B 388 -19.94 5.50 21.78
CA TRP B 388 -18.58 5.85 21.46
C TRP B 388 -18.44 7.28 20.92
N THR B 389 -19.08 7.60 19.80
CA THR B 389 -18.97 8.95 19.24
C THR B 389 -19.58 10.04 20.13
N LEU B 390 -20.69 9.75 20.79
CA LEU B 390 -21.38 10.74 21.64
C LEU B 390 -20.59 11.08 22.90
N GLN B 391 -20.04 10.07 23.54
CA GLN B 391 -19.24 10.29 24.73
C GLN B 391 -17.80 10.35 24.30
N ASN B 392 -17.60 10.62 23.01
CA ASN B 392 -16.28 10.77 22.41
C ASN B 392 -15.26 9.82 23.05
N TYR B 393 -15.76 8.64 23.40
CA TYR B 393 -14.96 7.60 24.05
C TYR B 393 -14.10 6.88 23.02
N LYS B 394 -12.78 7.01 23.14
CA LYS B 394 -11.90 6.23 22.29
C LYS B 394 -11.94 4.81 22.82
N PRO B 395 -12.14 3.83 21.91
CA PRO B 395 -12.41 2.43 22.25
C PRO B 395 -11.20 1.55 21.99
N SER B 396 -10.68 0.86 23.02
CA SER B 396 -9.61 -0.10 22.79
C SER B 396 -9.82 -0.77 21.42
N PHE B 397 -8.73 -1.04 20.69
CA PHE B 397 -8.90 -1.52 19.33
C PHE B 397 -9.77 -2.74 19.28
N GLU B 398 -9.71 -3.56 20.31
CA GLU B 398 -10.37 -4.87 20.29
C GLU B 398 -11.84 -4.77 20.71
N GLU B 399 -12.11 -3.86 21.64
CA GLU B 399 -13.48 -3.47 21.94
C GLU B 399 -14.08 -3.05 20.58
N PHE B 400 -13.42 -2.11 19.91
CA PHE B 400 -13.85 -1.73 18.56
C PHE B 400 -13.92 -2.94 17.66
N LYS B 401 -12.94 -3.81 17.82
CA LYS B 401 -12.80 -4.99 16.99
C LYS B 401 -14.00 -5.96 17.10
N ALA B 402 -14.77 -5.89 18.19
CA ALA B 402 -15.89 -6.83 18.37
C ALA B 402 -17.30 -6.30 18.05
N ASN B 403 -17.53 -5.00 18.22
CA ASN B 403 -18.88 -4.43 18.12
C ASN B 403 -19.13 -3.81 16.75
N ALA B 404 -18.05 -3.72 15.98
CA ALA B 404 -18.04 -3.00 14.72
C ALA B 404 -18.65 -3.81 13.58
N LEU B 405 -18.40 -5.12 13.57
CA LEU B 405 -18.96 -6.00 12.56
C LEU B 405 -20.49 -6.13 12.60
N PRO B 406 -21.07 -6.38 13.78
CA PRO B 406 -22.52 -6.45 13.87
C PRO B 406 -23.22 -5.31 13.13
N THR B 407 -22.78 -4.08 13.34
CA THR B 407 -23.48 -2.88 12.86
C THR B 407 -23.61 -2.79 11.35
N CYS B 408 -23.04 -3.76 10.66
CA CYS B 408 -23.14 -3.81 9.22
C CYS B 408 -24.61 -3.95 8.81
N GLY B 409 -25.30 -4.88 9.45
CA GLY B 409 -26.69 -5.15 9.12
C GLY B 409 -26.83 -6.18 8.03
N TYR B 410 -25.74 -6.84 7.67
CA TYR B 410 -25.79 -7.85 6.64
C TYR B 410 -26.30 -9.21 7.11
N ALA B 411 -26.13 -9.51 8.39
CA ALA B 411 -26.75 -10.72 8.90
C ALA B 411 -28.25 -10.45 8.89
N MET B 412 -28.62 -9.21 9.19
CA MET B 412 -30.02 -8.82 9.26
C MET B 412 -30.71 -8.86 7.87
N LEU B 413 -29.97 -8.58 6.80
CA LEU B 413 -30.55 -8.64 5.44
C LEU B 413 -30.62 -10.05 4.86
N ALA B 414 -29.57 -10.86 5.06
CA ALA B 414 -29.64 -12.25 4.62
C ALA B 414 -30.88 -12.90 5.26
N ILE B 415 -30.95 -12.87 6.58
CA ILE B 415 -32.02 -13.54 7.30
C ILE B 415 -33.37 -13.02 6.88
N THR B 416 -33.50 -11.70 6.74
CA THR B 416 -34.79 -11.11 6.40
C THR B 416 -35.20 -11.47 4.98
N SER B 417 -34.19 -11.71 4.14
CA SER B 417 -34.39 -12.05 2.73
C SER B 417 -34.93 -13.48 2.53
N PHE B 418 -34.73 -14.35 3.51
CA PHE B 418 -35.26 -15.71 3.39
C PHE B 418 -36.77 -15.66 3.60
N VAL B 419 -37.23 -14.66 4.36
CA VAL B 419 -38.64 -14.59 4.73
C VAL B 419 -39.60 -14.77 3.54
N GLY B 420 -39.40 -14.03 2.46
CA GLY B 420 -40.23 -14.18 1.28
C GLY B 420 -39.86 -15.29 0.30
N MET B 421 -38.84 -16.09 0.62
CA MET B 421 -38.42 -17.17 -0.29
C MET B 421 -39.32 -18.40 -0.15
N GLY B 422 -39.14 -19.36 -1.05
CA GLY B 422 -39.98 -20.53 -1.12
C GLY B 422 -39.73 -21.57 -0.04
N ASP B 423 -40.18 -22.79 -0.32
CA ASP B 423 -40.00 -23.88 0.64
C ASP B 423 -38.54 -24.31 0.73
N ILE B 424 -37.67 -23.73 -0.09
CA ILE B 424 -36.23 -24.09 -0.01
C ILE B 424 -35.70 -23.55 1.31
N VAL B 425 -36.34 -22.52 1.84
CA VAL B 425 -36.01 -21.99 3.16
C VAL B 425 -36.81 -22.80 4.14
N THR B 426 -36.28 -22.98 5.35
CA THR B 426 -36.76 -24.01 6.23
C THR B 426 -36.37 -23.61 7.64
N PRO B 427 -37.14 -24.04 8.66
CA PRO B 427 -36.75 -23.61 10.01
C PRO B 427 -35.24 -23.80 10.29
N GLU B 428 -34.62 -24.88 9.80
CA GLU B 428 -33.18 -25.08 9.98
C GLU B 428 -32.35 -23.98 9.31
N THR B 429 -32.87 -23.40 8.24
CA THR B 429 -32.17 -22.26 7.66
C THR B 429 -31.95 -21.18 8.73
N PHE B 430 -32.98 -20.83 9.49
CA PHE B 430 -32.85 -19.74 10.43
C PHE B 430 -31.94 -20.11 11.59
N LYS B 431 -32.04 -21.35 12.04
CA LYS B 431 -31.18 -21.83 13.12
C LYS B 431 -29.72 -21.67 12.68
N TRP B 432 -29.45 -22.01 11.43
CA TRP B 432 -28.12 -21.88 10.88
C TRP B 432 -27.67 -20.43 10.86
N ALA B 433 -28.54 -19.55 10.36
CA ALA B 433 -28.19 -18.15 10.13
C ALA B 433 -28.05 -17.36 11.42
N ALA B 434 -28.65 -17.86 12.49
CA ALA B 434 -28.65 -17.17 13.76
C ALA B 434 -27.43 -17.53 14.60
N SER B 435 -26.58 -18.38 14.02
CA SER B 435 -25.42 -18.95 14.71
C SER B 435 -24.15 -18.32 14.14
N ASP B 436 -24.33 -17.52 13.09
CA ASP B 436 -23.25 -16.72 12.51
C ASP B 436 -22.30 -17.53 11.63
N PRO B 437 -22.84 -18.10 10.55
CA PRO B 437 -22.20 -18.98 9.59
C PRO B 437 -21.05 -18.28 8.89
N LYS B 438 -20.09 -19.04 8.36
CA LYS B 438 -18.91 -18.44 7.76
C LYS B 438 -19.28 -17.52 6.60
N ILE B 439 -20.23 -17.92 5.76
CA ILE B 439 -20.56 -17.09 4.61
C ILE B 439 -21.22 -15.80 5.03
N ILE B 440 -21.88 -15.78 6.19
CA ILE B 440 -22.43 -14.51 6.67
C ILE B 440 -21.40 -13.60 7.37
N GLN B 441 -20.38 -14.18 8.02
CA GLN B 441 -19.32 -13.36 8.61
C GLN B 441 -18.49 -12.80 7.48
N ALA B 442 -18.18 -13.64 6.51
CA ALA B 442 -17.49 -13.19 5.33
C ALA B 442 -18.16 -11.93 4.75
N SER B 443 -19.38 -12.04 4.24
CA SER B 443 -19.98 -10.90 3.58
C SER B 443 -20.03 -9.72 4.53
N THR B 444 -20.09 -10.01 5.83
CA THR B 444 -20.13 -8.95 6.87
C THR B 444 -18.83 -8.15 6.94
N ILE B 445 -17.68 -8.84 6.83
CA ILE B 445 -16.38 -8.19 6.78
C ILE B 445 -16.31 -7.32 5.52
N ILE B 446 -16.62 -7.91 4.37
CA ILE B 446 -16.55 -7.19 3.12
C ILE B 446 -17.30 -5.86 3.20
N CYS B 447 -18.53 -5.89 3.69
CA CYS B 447 -19.31 -4.67 3.84
C CYS B 447 -18.66 -3.65 4.77
N ARG B 448 -18.38 -4.03 6.01
CA ARG B 448 -17.79 -3.10 6.98
C ARG B 448 -16.49 -2.46 6.53
N PHE B 449 -15.52 -3.23 6.06
CA PHE B 449 -14.22 -2.65 5.70
C PHE B 449 -14.30 -1.78 4.43
N MET B 450 -14.94 -2.29 3.38
CA MET B 450 -15.11 -1.45 2.19
C MET B 450 -15.76 -0.12 2.54
N ASP B 451 -16.83 -0.16 3.31
CA ASP B 451 -17.52 1.05 3.74
C ASP B 451 -16.55 2.01 4.39
N ASP B 452 -15.96 1.59 5.50
CA ASP B 452 -15.08 2.44 6.29
C ASP B 452 -13.93 3.02 5.47
N VAL B 453 -13.42 2.24 4.52
CA VAL B 453 -12.33 2.70 3.67
C VAL B 453 -12.83 3.73 2.67
N ALA B 454 -14.10 3.63 2.29
CA ALA B 454 -14.70 4.56 1.32
C ALA B 454 -15.16 5.85 2.01
N GLU B 455 -15.75 5.73 3.18
CA GLU B 455 -16.02 6.90 4.00
C GLU B 455 -14.74 7.72 4.22
N HIS B 456 -13.60 7.06 4.38
CA HIS B 456 -12.36 7.78 4.65
C HIS B 456 -11.62 8.27 3.38
N LYS B 457 -11.41 7.37 2.43
CA LYS B 457 -10.76 7.70 1.15
C LYS B 457 -11.44 8.78 0.30
N PHE B 458 -12.70 9.09 0.60
CA PHE B 458 -13.47 10.04 -0.23
C PHE B 458 -14.36 10.97 0.62
N ASP B 465 -16.91 11.27 12.65
CA ASP B 465 -16.76 10.62 13.95
C ASP B 465 -16.63 9.11 13.81
N CYS B 466 -15.91 8.52 14.75
CA CYS B 466 -15.51 7.12 14.69
C CYS B 466 -15.34 6.55 13.28
N SER B 467 -14.11 6.66 12.75
CA SER B 467 -13.74 5.90 11.57
C SER B 467 -12.82 4.75 11.96
N ALA B 468 -13.17 3.56 11.47
CA ALA B 468 -12.35 2.38 11.68
C ALA B 468 -10.97 2.51 11.04
N ILE B 469 -10.86 3.29 9.97
CA ILE B 469 -9.55 3.57 9.40
C ILE B 469 -8.72 4.39 10.38
N GLU B 470 -9.37 5.25 11.16
CA GLU B 470 -8.71 6.03 12.19
C GLU B 470 -8.21 5.20 13.38
N CYS B 471 -9.12 4.50 14.05
CA CYS B 471 -8.73 3.46 14.99
C CYS B 471 -7.44 2.76 14.56
N TYR B 472 -7.38 2.34 13.30
CA TYR B 472 -6.24 1.56 12.88
C TYR B 472 -5.08 2.46 12.51
N MET B 473 -5.20 3.74 12.80
CA MET B 473 -4.08 4.65 12.60
C MET B 473 -3.38 4.93 13.93
N GLU B 474 -4.15 4.92 15.02
CA GLU B 474 -3.56 5.06 16.35
C GLU B 474 -3.11 3.72 16.91
N GLU B 475 -3.90 2.68 16.70
CA GLU B 475 -3.55 1.33 17.11
C GLU B 475 -2.11 0.99 16.72
N TYR B 476 -1.93 0.54 15.49
CA TYR B 476 -0.61 0.14 15.02
C TYR B 476 0.18 1.40 14.56
N GLY B 477 -0.32 2.57 14.97
CA GLY B 477 0.31 3.86 14.70
C GLY B 477 0.82 4.10 13.28
N VAL B 478 -0.04 3.90 12.29
CA VAL B 478 0.37 3.98 10.89
C VAL B 478 -0.38 5.05 10.11
N THR B 479 -0.12 5.14 8.80
CA THR B 479 -0.72 6.19 7.98
C THR B 479 -2.04 5.77 7.31
N ALA B 480 -2.89 6.74 7.03
CA ALA B 480 -4.09 6.49 6.25
C ALA B 480 -3.91 5.34 5.24
N GLN B 481 -2.96 5.48 4.32
CA GLN B 481 -2.81 4.48 3.26
C GLN B 481 -2.46 3.10 3.81
N GLU B 482 -1.55 3.02 4.77
CA GLU B 482 -1.24 1.74 5.39
C GLU B 482 -2.51 1.06 5.91
N ALA B 483 -3.42 1.85 6.46
CA ALA B 483 -4.67 1.30 6.95
C ALA B 483 -5.60 0.89 5.79
N TYR B 484 -5.63 1.65 4.71
CA TYR B 484 -6.39 1.18 3.53
C TYR B 484 -5.88 -0.20 3.14
N ASP B 485 -4.56 -0.40 3.21
CA ASP B 485 -3.93 -1.64 2.76
C ASP B 485 -4.25 -2.82 3.65
N VAL B 486 -4.31 -2.57 4.94
CA VAL B 486 -4.66 -3.60 5.88
C VAL B 486 -6.07 -4.00 5.55
N PHE B 487 -6.99 -3.06 5.78
CA PHE B 487 -8.41 -3.27 5.55
C PHE B 487 -8.71 -4.02 4.26
N ASN B 488 -7.99 -3.70 3.17
CA ASN B 488 -8.23 -4.33 1.87
C ASN B 488 -7.62 -5.72 1.73
N LYS B 489 -6.92 -6.17 2.76
CA LYS B 489 -6.38 -7.53 2.79
C LYS B 489 -7.50 -8.40 3.35
N HIS B 490 -7.99 -7.98 4.51
CA HIS B 490 -9.10 -8.61 5.19
C HIS B 490 -10.32 -8.73 4.27
N VAL B 491 -10.55 -7.73 3.43
CA VAL B 491 -11.62 -7.79 2.44
C VAL B 491 -11.35 -8.91 1.43
N GLU B 492 -10.14 -8.96 0.87
CA GLU B 492 -9.82 -9.96 -0.16
C GLU B 492 -9.81 -11.38 0.41
N SER B 493 -9.58 -11.46 1.70
CA SER B 493 -9.50 -12.71 2.40
C SER B 493 -10.95 -13.14 2.60
N ALA B 494 -11.81 -12.16 2.82
CA ALA B 494 -13.25 -12.39 3.01
C ALA B 494 -13.86 -12.96 1.72
N TRP B 495 -13.44 -12.45 0.57
CA TRP B 495 -13.87 -13.03 -0.71
C TRP B 495 -13.34 -14.44 -0.92
N LYS B 496 -12.18 -14.73 -0.36
CA LYS B 496 -11.67 -16.08 -0.44
C LYS B 496 -12.60 -16.94 0.43
N ASP B 497 -12.84 -16.53 1.67
CA ASP B 497 -13.78 -17.23 2.55
C ASP B 497 -15.14 -17.48 1.91
N LEU B 498 -15.62 -16.47 1.17
CA LEU B 498 -16.93 -16.51 0.55
C LEU B 498 -16.96 -17.56 -0.55
N ASN B 499 -16.08 -17.45 -1.54
CA ASN B 499 -15.95 -18.49 -2.56
C ASN B 499 -15.86 -19.92 -2.03
N GLN B 500 -15.18 -20.07 -0.88
CA GLN B 500 -14.92 -21.39 -0.26
C GLN B 500 -16.23 -22.04 0.17
N GLU B 501 -17.06 -21.24 0.82
CA GLU B 501 -18.35 -21.67 1.30
C GLU B 501 -19.29 -22.23 0.22
N PHE B 502 -18.92 -22.08 -1.05
CA PHE B 502 -19.76 -22.53 -2.16
C PHE B 502 -19.28 -23.88 -2.71
N LEU B 503 -18.14 -24.33 -2.21
CA LEU B 503 -17.51 -25.53 -2.74
C LEU B 503 -18.11 -26.75 -2.10
N LYS B 504 -18.64 -27.66 -2.90
CA LYS B 504 -19.34 -28.85 -2.41
C LYS B 504 -18.48 -29.64 -1.44
N PRO B 505 -19.07 -30.07 -0.30
CA PRO B 505 -20.47 -29.90 0.09
C PRO B 505 -20.65 -28.67 0.99
N THR B 506 -21.67 -27.90 0.66
CA THR B 506 -21.92 -26.61 1.29
C THR B 506 -22.89 -26.78 2.43
N GLU B 507 -22.87 -25.86 3.39
CA GLU B 507 -23.74 -25.97 4.56
C GLU B 507 -25.24 -25.78 4.25
N MET B 508 -25.55 -25.03 3.19
CA MET B 508 -26.92 -24.70 2.83
C MET B 508 -27.07 -24.67 1.32
N PRO B 509 -28.31 -24.76 0.83
CA PRO B 509 -28.52 -24.75 -0.63
C PRO B 509 -28.02 -23.49 -1.33
N THR B 510 -27.67 -23.64 -2.61
CA THR B 510 -27.25 -22.52 -3.43
C THR B 510 -28.11 -21.28 -3.23
N GLU B 511 -29.43 -21.40 -3.37
CA GLU B 511 -30.28 -20.19 -3.29
C GLU B 511 -30.20 -19.45 -1.96
N VAL B 512 -29.79 -20.18 -0.93
CA VAL B 512 -29.58 -19.59 0.39
C VAL B 512 -28.23 -18.84 0.41
N LEU B 513 -27.15 -19.55 0.07
CA LEU B 513 -25.84 -18.92 -0.02
C LEU B 513 -25.84 -17.67 -0.93
N ASN B 514 -26.49 -17.76 -2.09
CA ASN B 514 -26.45 -16.66 -3.08
C ASN B 514 -26.90 -15.34 -2.52
N ARG B 515 -27.69 -15.39 -1.46
CA ARG B 515 -28.18 -14.19 -0.80
C ARG B 515 -27.00 -13.44 -0.24
N SER B 516 -26.10 -14.19 0.41
CA SER B 516 -24.97 -13.56 1.05
C SER B 516 -23.94 -13.17 0.00
N LEU B 517 -23.80 -13.97 -1.04
CA LEU B 517 -22.94 -13.59 -2.15
C LEU B 517 -23.36 -12.23 -2.72
N ASN B 518 -24.64 -12.05 -3.04
CA ASN B 518 -25.14 -10.77 -3.58
C ASN B 518 -25.05 -9.60 -2.62
N LEU B 519 -25.17 -9.85 -1.33
CA LEU B 519 -25.01 -8.72 -0.42
C LEU B 519 -23.58 -8.18 -0.51
N ALA B 520 -22.62 -9.10 -0.55
CA ALA B 520 -21.22 -8.75 -0.70
C ALA B 520 -20.97 -8.10 -2.06
N ARG B 521 -21.60 -8.59 -3.12
CA ARG B 521 -21.46 -7.93 -4.43
C ARG B 521 -22.05 -6.50 -4.50
N VAL B 522 -23.01 -6.18 -3.64
CA VAL B 522 -23.56 -4.84 -3.65
C VAL B 522 -22.46 -3.88 -3.19
N MET B 523 -21.64 -4.34 -2.26
CA MET B 523 -20.59 -3.48 -1.74
C MET B 523 -19.64 -3.17 -2.86
N ASP B 524 -19.18 -4.20 -3.55
CA ASP B 524 -18.22 -4.01 -4.62
C ASP B 524 -18.75 -3.02 -5.66
N VAL B 525 -20.03 -3.14 -6.02
CA VAL B 525 -20.61 -2.29 -7.07
C VAL B 525 -20.78 -0.83 -6.63
N LEU B 526 -20.99 -0.60 -5.33
CA LEU B 526 -21.36 0.74 -4.84
C LEU B 526 -20.32 1.49 -3.98
N TYR B 527 -19.62 0.77 -3.12
CA TYR B 527 -18.75 1.42 -2.16
C TYR B 527 -17.29 1.33 -2.53
N ARG B 528 -16.90 1.98 -3.61
CA ARG B 528 -15.52 1.91 -4.07
C ARG B 528 -15.07 3.11 -4.92
N GLU B 529 -15.98 4.06 -5.08
CA GLU B 529 -15.72 5.23 -5.92
C GLU B 529 -16.37 6.41 -5.23
N TYR B 535 -26.62 10.79 -1.62
CA TYR B 535 -25.42 11.39 -2.20
C TYR B 535 -25.62 11.78 -3.67
N VAL B 536 -25.95 10.83 -4.57
CA VAL B 536 -26.08 9.39 -4.27
C VAL B 536 -25.00 8.56 -5.00
N GLY B 537 -23.93 9.24 -5.44
CA GLY B 537 -22.88 8.60 -6.21
C GLY B 537 -23.30 8.35 -7.64
N LYS B 538 -22.32 8.31 -8.54
CA LYS B 538 -22.55 7.99 -9.96
C LYS B 538 -22.84 6.49 -10.13
N ALA B 539 -22.29 5.70 -9.21
CA ALA B 539 -22.46 4.26 -9.19
C ALA B 539 -23.95 3.88 -9.06
N ALA B 540 -24.59 4.36 -8.01
CA ALA B 540 -26.01 4.09 -7.77
C ALA B 540 -26.91 4.71 -8.85
N LYS B 541 -26.71 6.01 -9.11
CA LYS B 541 -27.50 6.77 -10.08
C LYS B 541 -27.45 6.21 -11.52
N GLY B 542 -26.43 5.40 -11.82
CA GLY B 542 -26.28 4.82 -13.13
C GLY B 542 -26.98 3.48 -13.25
N GLY B 543 -26.90 2.66 -12.20
CA GLY B 543 -27.59 1.39 -12.19
C GLY B 543 -29.09 1.60 -12.02
N ILE B 544 -29.46 2.63 -11.27
CA ILE B 544 -30.87 2.93 -11.03
C ILE B 544 -31.52 3.38 -12.32
N THR B 545 -30.75 4.11 -13.13
CA THR B 545 -31.19 4.60 -14.42
C THR B 545 -31.42 3.46 -15.41
N SER B 546 -30.48 2.51 -15.47
CA SER B 546 -30.46 1.51 -16.55
C SER B 546 -31.16 0.20 -16.18
N LEU B 547 -31.54 0.10 -14.91
CA LEU B 547 -32.27 -1.07 -14.44
C LEU B 547 -33.77 -0.80 -14.29
N LEU B 548 -34.09 0.42 -13.87
CA LEU B 548 -35.47 0.82 -13.63
C LEU B 548 -36.04 1.78 -14.68
N ILE B 549 -35.36 2.89 -14.93
CA ILE B 549 -35.89 3.98 -15.74
C ILE B 549 -35.99 3.73 -17.26
N GLU B 550 -34.85 3.51 -17.92
CA GLU B 550 -34.85 3.35 -19.37
C GLU B 550 -34.97 1.91 -19.81
N PRO B 551 -36.09 1.57 -20.47
CA PRO B 551 -36.24 0.21 -21.02
C PRO B 551 -35.20 -0.08 -22.10
N ILE B 552 -35.19 -1.31 -22.59
CA ILE B 552 -34.44 -1.66 -23.78
C ILE B 552 -35.37 -1.51 -24.98
N ALA B 553 -34.83 -1.07 -26.12
CA ALA B 553 -35.61 -0.98 -27.36
C ALA B 553 -35.34 -2.18 -28.25
N LEU B 554 -36.39 -2.96 -28.55
CA LEU B 554 -36.21 -4.20 -29.30
C LEU B 554 -36.29 -3.99 -30.81
C1 BME C . 13.14 25.78 -3.23
C2 BME C . 11.84 26.50 -3.44
O1 BME C . 13.23 24.50 -3.82
S2 BME C . 11.65 28.12 -2.65
C1 BME D . 7.41 27.56 -3.26
C2 BME D . 6.86 26.69 -2.12
O1 BME D . 7.82 28.87 -2.96
S2 BME D . 6.66 24.92 -2.42
C1 FPF E . 16.79 -3.16 -2.80
O1 FPF E . 16.54 -3.89 -3.98
C2 FPF E . 16.34 -4.07 -1.65
F FPF E . 16.83 -5.32 -1.57
C3 FPF E . 15.45 -3.63 -0.77
C4 FPF E . 14.91 -2.20 -0.89
C5 FPF E . 14.96 -4.57 0.37
C6 FPF E . 15.53 -4.36 1.82
C7 FPF E . 14.61 -3.34 2.54
C8 FPF E . 14.65 -3.12 3.87
C10 FPF E . 15.58 -3.91 4.82
C9 FPF E . 13.68 -2.06 4.42
C11 FPF E . 14.16 -0.59 4.39
C12 FPF E . 13.21 0.41 3.69
C13 FPF E . 13.37 0.77 2.41
C14 FPF E . 12.41 1.75 1.73
C15 FPF E . 14.53 0.21 1.59
P1 FPF E . 16.14 -3.10 -5.24
O1A FPF E . 15.10 -3.88 -5.93
O2A FPF E . 15.65 -1.82 -4.68
O3A FPF E . 17.38 -2.97 -6.04
P2 FPF E . 18.06 -4.35 -6.70
O1B FPF E . 18.16 -4.27 -8.36
O2B FPF E . 19.59 -4.56 -6.13
O3B FPF E . 17.15 -5.68 -6.28
MG MG F . 15.50 -4.37 -8.14
MG MG G . 16.95 -5.10 -10.00
MG MG H . 18.09 -5.89 -3.93
C1 FPF I . -22.88 3.70 5.10
O1 FPF I . -22.66 3.84 6.49
C2 FPF I . -21.71 4.48 4.49
F FPF I . -20.64 4.65 5.31
C3 FPF I . -21.79 5.08 3.29
C4 FPF I . -23.03 4.85 2.41
C5 FPF I . -20.67 6.01 2.76
C6 FPF I . -19.97 5.67 1.39
C7 FPF I . -20.94 5.94 0.19
C8 FPF I . -20.54 5.97 -1.09
C10 FPF I . -19.07 5.82 -1.51
C9 FPF I . -21.63 6.22 -2.16
C11 FPF I . -22.09 4.95 -2.92
C12 FPF I . -23.55 4.87 -3.42
C13 FPF I . -24.56 4.83 -2.55
C14 FPF I . -26.00 4.75 -3.08
C15 FPF I . -24.32 4.86 -1.04
P1 FPF I . -23.84 4.25 7.40
O1A FPF I . -23.47 5.52 8.05
O2A FPF I . -24.99 4.45 6.50
O3A FPF I . -24.02 3.13 8.37
P2 FPF I . -22.85 2.84 9.54
O1B FPF I . -23.51 2.21 10.93
O2B FPF I . -21.79 1.71 8.97
O3B FPF I . -22.01 4.20 9.93
MG MG J . -24.66 5.34 10.19
MG MG K . -24.40 4.02 12.42
MG MG L . -20.20 3.97 8.05
#